data_7AT0
#
_entry.id   7AT0
#
_cell.length_a   47.883
_cell.length_b   80.168
_cell.length_c   144.989
_cell.angle_alpha   90.00
_cell.angle_beta   90.00
_cell.angle_gamma   90.00
#
_symmetry.space_group_name_H-M   'P 21 21 21'
#
loop_
_entity.id
_entity.type
_entity.pdbx_description
1 polymer EstD11
2 non-polymer 'FORMIC ACID'
3 non-polymer PHENOL
4 water water
#
_entity_poly.entity_id   1
_entity_poly.type   'polypeptide(L)'
_entity_poly.pdbx_seq_one_letter_code
;ASEALTMIVNLLRSQRPLQEPTVEQMRAGLEAMAQMSPLPADVELTTVDAGGVPGAWVRVPESDPDRVVLYLHGGGYVIG
SIRTHRDLAQRIARAARCRVLLIDYRLAPEHPHPAAVEDSTRAYRWLLETGSDPKRMAIAGDSAGGGLTVATLVALRDAG
VPLPAAAVCLSPWVDLEGIGESMTTKAAVDPMVQREPLLRMASMYLAGQDPRTPLAAPLYADLRGLPPLLIQVGTAETLL
DDSVRLAERARAAGVQVTLEPWEDMIHVWQAFAAMLPEGQQAIERIGEFLRQHWQ
;
_entity_poly.pdbx_strand_id   A,B
#
loop_
_chem_comp.id
_chem_comp.type
_chem_comp.name
_chem_comp.formula
FMT non-polymer 'FORMIC ACID' 'C H2 O2'
IPH non-polymer PHENOL 'C6 H6 O'
#
# COMPACT_ATOMS: atom_id res chain seq x y z
N ALA A 1 -5.45 -36.04 -3.98
CA ALA A 1 -5.82 -34.66 -4.41
C ALA A 1 -7.31 -34.53 -4.37
N SER A 2 -7.80 -33.28 -4.34
CA SER A 2 -9.25 -33.01 -4.38
C SER A 2 -9.91 -33.70 -5.58
N GLU A 3 -11.15 -34.14 -5.43
CA GLU A 3 -11.90 -34.70 -6.57
C GLU A 3 -12.08 -33.69 -7.71
N ALA A 4 -12.05 -32.38 -7.37
CA ALA A 4 -12.06 -31.32 -8.37
C ALA A 4 -10.94 -31.42 -9.40
N LEU A 5 -9.82 -32.00 -9.01
CA LEU A 5 -8.76 -32.24 -9.95
C LEU A 5 -9.25 -33.05 -11.15
N THR A 6 -10.10 -34.05 -10.92
CA THR A 6 -10.64 -34.85 -12.02
C THR A 6 -11.41 -34.01 -13.02
N MET A 7 -12.18 -33.04 -12.53
CA MET A 7 -12.93 -32.16 -13.41
C MET A 7 -11.97 -31.35 -14.32
N ILE A 8 -10.90 -30.84 -13.72
CA ILE A 8 -9.93 -30.06 -14.48
C ILE A 8 -9.21 -30.95 -15.50
N VAL A 9 -8.80 -32.14 -15.05
CA VAL A 9 -8.18 -33.09 -15.97
C VAL A 9 -9.10 -33.40 -17.15
N ASN A 10 -10.36 -33.66 -16.86
CA ASN A 10 -11.31 -33.98 -17.94
C ASN A 10 -11.46 -32.80 -18.91
N LEU A 11 -11.50 -31.58 -18.38
CA LEU A 11 -11.58 -30.39 -19.24
C LEU A 11 -10.38 -30.37 -20.19
N LEU A 12 -9.18 -30.52 -19.62
CA LEU A 12 -7.96 -30.43 -20.38
C LEU A 12 -7.78 -31.54 -21.38
N ARG A 13 -8.16 -32.77 -21.02
CA ARG A 13 -8.02 -33.88 -21.95
C ARG A 13 -8.90 -33.72 -23.16
N SER A 14 -10.05 -33.04 -23.01
N SER A 14 -10.03 -33.02 -23.00
CA SER A 14 -10.93 -32.78 -24.15
CA SER A 14 -10.94 -32.78 -24.12
C SER A 14 -10.52 -31.55 -24.95
C SER A 14 -10.53 -31.55 -24.94
N GLN A 15 -10.22 -30.44 -24.25
CA GLN A 15 -9.89 -29.21 -24.97
C GLN A 15 -8.55 -29.26 -25.66
N ARG A 16 -7.57 -29.92 -25.03
CA ARG A 16 -6.24 -30.11 -25.63
C ARG A 16 -5.72 -28.77 -26.14
N PRO A 17 -5.57 -27.78 -25.25
CA PRO A 17 -5.29 -26.43 -25.72
C PRO A 17 -3.98 -26.30 -26.53
N LEU A 18 -2.97 -27.09 -26.20
CA LEU A 18 -1.70 -27.00 -26.93
C LEU A 18 -1.65 -27.83 -28.22
N GLN A 19 -2.77 -28.47 -28.59
CA GLN A 19 -2.83 -29.35 -29.75
C GLN A 19 -3.70 -28.81 -30.87
N GLU A 20 -4.13 -27.56 -30.77
CA GLU A 20 -4.97 -26.99 -31.85
C GLU A 20 -4.16 -26.89 -33.13
N PRO A 21 -4.81 -27.03 -34.31
CA PRO A 21 -4.09 -27.18 -35.57
C PRO A 21 -3.32 -25.98 -36.09
N THR A 22 -3.69 -24.77 -35.64
CA THR A 22 -3.04 -23.56 -36.06
C THR A 22 -2.76 -22.72 -34.85
N VAL A 23 -1.82 -21.80 -34.99
CA VAL A 23 -1.49 -20.88 -33.90
C VAL A 23 -2.68 -20.05 -33.52
N GLU A 24 -3.42 -19.55 -34.52
CA GLU A 24 -4.58 -18.74 -34.18
C GLU A 24 -5.65 -19.52 -33.44
N GLN A 25 -5.85 -20.79 -33.80
CA GLN A 25 -6.80 -21.62 -33.08
C GLN A 25 -6.32 -21.91 -31.66
N MET A 26 -5.02 -22.06 -31.47
N MET A 26 -5.02 -22.06 -31.47
CA MET A 26 -4.48 -22.22 -30.12
CA MET A 26 -4.47 -22.22 -30.12
C MET A 26 -4.75 -20.95 -29.29
C MET A 26 -4.74 -20.96 -29.30
N ARG A 27 -4.47 -19.80 -29.89
CA ARG A 27 -4.70 -18.53 -29.20
C ARG A 27 -6.15 -18.37 -28.79
N ALA A 28 -7.04 -18.58 -29.76
CA ALA A 28 -8.47 -18.41 -29.52
C ALA A 28 -8.99 -19.42 -28.52
N GLY A 29 -8.49 -20.65 -28.60
CA GLY A 29 -8.92 -21.69 -27.68
C GLY A 29 -8.58 -21.34 -26.24
N LEU A 30 -7.39 -20.80 -26.01
CA LEU A 30 -6.99 -20.48 -24.64
C LEU A 30 -7.83 -19.30 -24.15
N GLU A 31 -8.09 -18.30 -25.02
CA GLU A 31 -8.97 -17.21 -24.65
C GLU A 31 -10.36 -17.70 -24.28
N ALA A 32 -10.87 -18.66 -25.05
CA ALA A 32 -12.18 -19.18 -24.75
C ALA A 32 -12.24 -19.87 -23.39
N MET A 33 -11.20 -20.64 -23.06
N MET A 33 -11.20 -20.64 -23.06
CA MET A 33 -11.16 -21.32 -21.78
CA MET A 33 -11.10 -21.30 -21.78
C MET A 33 -11.08 -20.30 -20.64
C MET A 33 -11.08 -20.29 -20.64
N ALA A 34 -10.25 -19.26 -20.80
CA ALA A 34 -10.06 -18.28 -19.74
C ALA A 34 -11.33 -17.53 -19.41
N GLN A 35 -12.18 -17.32 -20.42
CA GLN A 35 -13.49 -16.69 -20.24
C GLN A 35 -14.37 -17.42 -19.27
N MET A 36 -14.09 -18.70 -19.01
CA MET A 36 -14.92 -19.49 -18.12
C MET A 36 -14.74 -19.04 -16.66
N SER A 37 -13.60 -18.45 -16.30
CA SER A 37 -13.35 -18.07 -14.91
C SER A 37 -14.02 -16.73 -14.58
N PRO A 38 -14.89 -16.65 -13.54
CA PRO A 38 -15.62 -15.41 -13.25
C PRO A 38 -14.68 -14.33 -12.72
N LEU A 39 -14.46 -13.26 -13.50
CA LEU A 39 -13.59 -12.17 -13.06
C LEU A 39 -14.38 -11.27 -12.11
N PRO A 40 -13.92 -11.09 -10.85
CA PRO A 40 -14.66 -10.34 -9.85
C PRO A 40 -14.83 -8.87 -10.22
N ALA A 41 -15.97 -8.33 -9.79
CA ALA A 41 -16.34 -6.95 -10.05
C ALA A 41 -15.40 -5.94 -9.37
N ASP A 42 -14.71 -6.36 -8.30
CA ASP A 42 -13.82 -5.46 -7.57
C ASP A 42 -12.42 -5.32 -8.17
N VAL A 43 -12.16 -6.00 -9.30
CA VAL A 43 -10.88 -5.88 -9.97
C VAL A 43 -10.90 -4.63 -10.86
N GLU A 44 -9.84 -3.82 -10.76
CA GLU A 44 -9.65 -2.65 -11.60
C GLU A 44 -8.49 -2.90 -12.57
N LEU A 45 -8.78 -2.79 -13.87
CA LEU A 45 -7.81 -3.01 -14.92
C LEU A 45 -7.65 -1.70 -15.64
N THR A 46 -6.39 -1.26 -15.80
CA THR A 46 -6.04 0.02 -16.46
C THR A 46 -4.97 -0.26 -17.51
N THR A 47 -5.30 -0.02 -18.79
CA THR A 47 -4.33 -0.25 -19.84
C THR A 47 -3.24 0.85 -19.71
N VAL A 48 -2.01 0.48 -20.06
CA VAL A 48 -0.88 1.38 -19.98
C VAL A 48 0.13 1.02 -21.06
N ASP A 49 0.87 2.01 -21.53
CA ASP A 49 2.05 1.78 -22.35
C ASP A 49 3.24 1.72 -21.39
N ALA A 50 3.72 0.50 -21.12
CA ALA A 50 4.77 0.26 -20.14
C ALA A 50 6.12 0.40 -20.86
N GLY A 51 6.42 1.64 -21.23
CA GLY A 51 7.67 1.96 -21.85
C GLY A 51 7.91 1.34 -23.21
N GLY A 52 6.82 1.18 -23.99
CA GLY A 52 6.86 0.59 -25.33
C GLY A 52 6.38 -0.85 -25.45
N VAL A 53 5.91 -1.37 -24.33
N VAL A 53 5.95 -1.41 -24.31
CA VAL A 53 5.30 -2.70 -24.22
CA VAL A 53 5.27 -2.70 -24.30
C VAL A 53 3.89 -2.47 -23.70
C VAL A 53 3.88 -2.48 -23.72
N PRO A 54 2.81 -2.94 -24.38
CA PRO A 54 1.47 -2.74 -23.84
C PRO A 54 1.31 -3.55 -22.57
N GLY A 55 0.59 -2.98 -21.61
CA GLY A 55 0.32 -3.68 -20.39
C GLY A 55 -1.01 -3.30 -19.80
N ALA A 56 -1.35 -3.99 -18.72
CA ALA A 56 -2.49 -3.62 -17.92
C ALA A 56 -2.12 -3.70 -16.46
N TRP A 57 -2.39 -2.60 -15.73
CA TRP A 57 -2.36 -2.66 -14.29
C TRP A 57 -3.60 -3.39 -13.78
N VAL A 58 -3.39 -4.30 -12.85
CA VAL A 58 -4.41 -5.09 -12.21
C VAL A 58 -4.32 -4.76 -10.73
N ARG A 59 -5.41 -4.20 -10.20
CA ARG A 59 -5.50 -3.75 -8.83
C ARG A 59 -6.77 -4.36 -8.21
N VAL A 60 -6.68 -4.65 -6.91
CA VAL A 60 -7.82 -5.10 -6.15
C VAL A 60 -7.93 -4.21 -4.91
N PRO A 61 -9.03 -4.25 -4.16
CA PRO A 61 -9.20 -3.29 -3.07
C PRO A 61 -8.07 -3.17 -2.07
N GLU A 62 -7.43 -4.29 -1.71
CA GLU A 62 -6.36 -4.25 -0.71
C GLU A 62 -4.95 -4.19 -1.31
N SER A 63 -4.85 -3.88 -2.59
CA SER A 63 -3.51 -3.68 -3.22
C SER A 63 -2.75 -2.52 -2.58
N ASP A 64 -1.56 -2.79 -2.02
CA ASP A 64 -0.64 -1.74 -1.57
C ASP A 64 -0.11 -1.10 -2.84
N PRO A 65 -0.33 0.20 -3.07
CA PRO A 65 -0.03 0.78 -4.38
C PRO A 65 1.46 0.85 -4.67
N ASP A 66 2.29 0.75 -3.64
CA ASP A 66 3.73 0.79 -3.85
C ASP A 66 4.39 -0.56 -4.03
N ARG A 67 3.62 -1.64 -3.98
CA ARG A 67 4.18 -2.98 -4.20
C ARG A 67 3.67 -3.48 -5.56
N VAL A 68 4.58 -4.00 -6.35
CA VAL A 68 4.28 -4.36 -7.72
C VAL A 68 4.90 -5.69 -8.09
N VAL A 69 4.08 -6.57 -8.70
CA VAL A 69 4.55 -7.75 -9.41
C VAL A 69 4.47 -7.49 -10.90
N LEU A 70 5.60 -7.67 -11.60
CA LEU A 70 5.60 -7.73 -13.06
C LEU A 70 5.28 -9.19 -13.42
N TYR A 71 4.11 -9.40 -14.07
CA TYR A 71 3.65 -10.77 -14.33
C TYR A 71 3.81 -11.08 -15.80
N LEU A 72 4.44 -12.22 -16.06
CA LEU A 72 4.83 -12.73 -17.37
C LEU A 72 4.02 -13.99 -17.67
N HIS A 73 3.03 -13.85 -18.55
CA HIS A 73 2.10 -14.95 -18.77
C HIS A 73 2.71 -16.12 -19.52
N GLY A 74 2.12 -17.29 -19.31
CA GLY A 74 2.45 -18.48 -20.06
C GLY A 74 1.79 -18.58 -21.40
N GLY A 75 2.08 -19.67 -22.09
CA GLY A 75 1.64 -19.89 -23.44
C GLY A 75 2.72 -20.24 -24.43
N GLY A 76 3.82 -20.81 -23.96
CA GLY A 76 4.82 -21.36 -24.87
C GLY A 76 5.62 -20.34 -25.67
N TYR A 77 5.53 -19.06 -25.28
CA TYR A 77 6.07 -17.92 -26.02
C TYR A 77 5.27 -17.59 -27.29
N VAL A 78 4.15 -18.28 -27.47
CA VAL A 78 3.35 -18.24 -28.69
C VAL A 78 1.90 -17.80 -28.48
N ILE A 79 1.30 -18.21 -27.36
CA ILE A 79 -0.08 -17.92 -27.05
C ILE A 79 -0.18 -17.22 -25.69
N GLY A 80 -1.41 -16.96 -25.25
CA GLY A 80 -1.66 -16.21 -24.04
C GLY A 80 -1.72 -14.75 -24.32
N SER A 81 -2.31 -14.01 -23.38
CA SER A 81 -2.59 -12.61 -23.54
C SER A 81 -2.99 -12.01 -22.20
N ILE A 82 -3.25 -10.70 -22.21
CA ILE A 82 -3.84 -10.05 -21.05
C ILE A 82 -5.16 -10.72 -20.68
N ARG A 83 -5.96 -11.11 -21.69
CA ARG A 83 -7.23 -11.76 -21.42
C ARG A 83 -7.07 -13.12 -20.77
N THR A 84 -6.09 -13.91 -21.20
CA THR A 84 -5.99 -15.26 -20.66
C THR A 84 -5.53 -15.27 -19.20
N HIS A 85 -4.71 -14.28 -18.83
CA HIS A 85 -4.02 -14.30 -17.55
C HIS A 85 -4.44 -13.21 -16.58
N ARG A 86 -5.44 -12.38 -16.94
CA ARG A 86 -5.87 -11.35 -16.01
C ARG A 86 -6.46 -11.93 -14.74
N ASP A 87 -7.09 -13.11 -14.82
CA ASP A 87 -7.65 -13.71 -13.60
C ASP A 87 -6.55 -14.20 -12.65
N LEU A 88 -5.56 -14.90 -13.20
CA LEU A 88 -4.45 -15.30 -12.36
C LEU A 88 -3.76 -14.06 -11.75
N ALA A 89 -3.58 -13.01 -12.56
CA ALA A 89 -3.00 -11.78 -12.08
C ALA A 89 -3.75 -11.17 -10.91
N GLN A 90 -5.08 -11.10 -11.00
CA GLN A 90 -5.85 -10.49 -9.93
C GLN A 90 -5.78 -11.36 -8.68
N ARG A 91 -5.79 -12.67 -8.85
CA ARG A 91 -5.69 -13.57 -7.69
C ARG A 91 -4.37 -13.36 -6.95
N ILE A 92 -3.29 -13.18 -7.70
CA ILE A 92 -1.99 -12.93 -7.09
C ILE A 92 -2.00 -11.54 -6.41
N ALA A 93 -2.54 -10.53 -7.10
CA ALA A 93 -2.68 -9.19 -6.52
C ALA A 93 -3.38 -9.25 -5.19
N ARG A 94 -4.45 -10.07 -5.11
CA ARG A 94 -5.27 -10.17 -3.93
C ARG A 94 -4.52 -10.89 -2.79
N ALA A 95 -3.81 -11.96 -3.12
CA ALA A 95 -3.09 -12.73 -2.12
C ALA A 95 -1.85 -12.00 -1.60
N ALA A 96 -1.14 -11.35 -2.50
CA ALA A 96 0.08 -10.61 -2.16
C ALA A 96 -0.20 -9.17 -1.73
N ARG A 97 -1.45 -8.72 -1.86
CA ARG A 97 -1.86 -7.38 -1.51
C ARG A 97 -0.99 -6.33 -2.19
N CYS A 98 -0.92 -6.44 -3.52
CA CYS A 98 -0.09 -5.62 -4.35
C CYS A 98 -0.80 -5.30 -5.66
N ARG A 99 -0.19 -4.44 -6.46
CA ARG A 99 -0.57 -4.25 -7.83
C ARG A 99 0.21 -5.21 -8.71
N VAL A 100 -0.40 -5.61 -9.83
CA VAL A 100 0.25 -6.43 -10.82
C VAL A 100 0.30 -5.68 -12.13
N LEU A 101 1.47 -5.64 -12.78
CA LEU A 101 1.58 -5.14 -14.13
C LEU A 101 1.65 -6.39 -15.03
N LEU A 102 0.56 -6.63 -15.79
N LEU A 102 0.58 -6.62 -15.80
CA LEU A 102 0.47 -7.76 -16.70
CA LEU A 102 0.47 -7.76 -16.69
C LEU A 102 0.81 -7.25 -18.09
C LEU A 102 0.79 -7.28 -18.09
N ILE A 103 1.93 -7.70 -18.66
CA ILE A 103 2.39 -7.18 -19.93
C ILE A 103 2.06 -8.10 -21.10
N ASP A 104 1.82 -7.44 -22.24
CA ASP A 104 1.62 -8.11 -23.50
C ASP A 104 2.94 -8.17 -24.26
N TYR A 105 3.86 -9.01 -23.78
CA TYR A 105 5.15 -9.15 -24.44
C TYR A 105 4.97 -9.75 -25.84
N ARG A 106 5.89 -9.41 -26.73
CA ARG A 106 5.82 -9.90 -28.08
C ARG A 106 5.85 -11.42 -28.17
N LEU A 107 4.97 -11.97 -29.01
CA LEU A 107 4.82 -13.41 -29.19
C LEU A 107 5.41 -13.89 -30.51
N ALA A 108 5.89 -15.13 -30.44
CA ALA A 108 6.34 -15.91 -31.59
C ALA A 108 5.11 -16.61 -32.17
N PRO A 109 5.14 -17.07 -33.43
CA PRO A 109 6.24 -16.97 -34.38
C PRO A 109 6.49 -15.59 -34.96
N GLU A 110 5.55 -14.66 -34.78
CA GLU A 110 5.68 -13.35 -35.41
C GLU A 110 6.96 -12.62 -34.94
N HIS A 111 7.25 -12.75 -33.65
CA HIS A 111 8.35 -12.04 -33.00
C HIS A 111 9.16 -13.04 -32.20
N PRO A 112 10.19 -13.66 -32.81
CA PRO A 112 10.95 -14.69 -32.12
C PRO A 112 11.82 -14.14 -30.99
N HIS A 113 12.36 -15.05 -30.21
CA HIS A 113 13.39 -14.74 -29.22
C HIS A 113 14.43 -13.87 -29.92
N PRO A 114 14.95 -12.77 -29.33
CA PRO A 114 14.76 -12.39 -27.93
C PRO A 114 13.67 -11.36 -27.66
N ALA A 115 12.68 -11.21 -28.53
CA ALA A 115 11.68 -10.19 -28.35
C ALA A 115 11.02 -10.20 -26.98
N ALA A 116 10.63 -11.41 -26.49
CA ALA A 116 9.92 -11.48 -25.23
C ALA A 116 10.78 -10.94 -24.08
N VAL A 117 12.09 -11.25 -24.09
CA VAL A 117 13.00 -10.81 -23.04
C VAL A 117 13.28 -9.33 -23.16
N GLU A 118 13.41 -8.81 -24.37
CA GLU A 118 13.54 -7.37 -24.55
C GLU A 118 12.34 -6.65 -23.96
N ASP A 119 11.14 -7.20 -24.14
CA ASP A 119 9.95 -6.54 -23.64
C ASP A 119 9.82 -6.63 -22.12
N SER A 120 10.14 -7.79 -21.55
N SER A 120 10.14 -7.79 -21.55
CA SER A 120 10.05 -7.95 -20.11
CA SER A 120 10.06 -7.96 -20.10
C SER A 120 11.05 -7.03 -19.38
C SER A 120 11.04 -7.04 -19.39
N THR A 121 12.27 -6.97 -19.90
CA THR A 121 13.27 -6.09 -19.29
C THR A 121 12.87 -4.62 -19.46
N ARG A 122 12.32 -4.26 -20.63
CA ARG A 122 11.90 -2.89 -20.86
C ARG A 122 10.80 -2.49 -19.89
N ALA A 123 9.84 -3.39 -19.64
CA ALA A 123 8.76 -3.10 -18.72
C ALA A 123 9.27 -2.93 -17.30
N TYR A 124 10.22 -3.77 -16.89
CA TYR A 124 10.82 -3.64 -15.56
C TYR A 124 11.54 -2.30 -15.41
N ARG A 125 12.35 -1.95 -16.42
N ARG A 125 12.36 -1.96 -16.42
CA ARG A 125 13.06 -0.67 -16.39
CA ARG A 125 13.04 -0.67 -16.38
C ARG A 125 12.07 0.51 -16.35
C ARG A 125 12.07 0.51 -16.33
N TRP A 126 10.95 0.40 -17.06
CA TRP A 126 9.91 1.41 -17.02
C TRP A 126 9.29 1.55 -15.65
N LEU A 127 9.07 0.43 -14.95
CA LEU A 127 8.60 0.50 -13.59
C LEU A 127 9.55 1.31 -12.73
N LEU A 128 10.86 1.08 -12.87
CA LEU A 128 11.85 1.84 -12.11
C LEU A 128 11.81 3.32 -12.48
N GLU A 129 11.74 3.59 -13.78
CA GLU A 129 11.74 4.95 -14.31
C GLU A 129 10.57 5.76 -13.75
N THR A 130 9.43 5.09 -13.56
CA THR A 130 8.21 5.73 -13.13
C THR A 130 8.01 5.66 -11.63
N GLY A 131 9.02 5.15 -10.90
CA GLY A 131 9.12 5.36 -9.46
C GLY A 131 8.98 4.15 -8.55
N SER A 132 8.76 2.96 -9.13
CA SER A 132 8.72 1.76 -8.31
C SER A 132 10.10 1.43 -7.78
N ASP A 133 10.15 0.89 -6.56
N ASP A 133 10.13 0.86 -6.57
CA ASP A 133 11.39 0.56 -5.91
CA ASP A 133 11.34 0.54 -5.83
C ASP A 133 11.59 -0.95 -5.90
C ASP A 133 11.58 -0.96 -5.90
N PRO A 134 12.78 -1.43 -6.33
CA PRO A 134 13.06 -2.86 -6.37
C PRO A 134 12.71 -3.64 -5.11
N LYS A 135 12.90 -3.03 -3.93
CA LYS A 135 12.62 -3.70 -2.68
C LYS A 135 11.15 -3.98 -2.44
N ARG A 136 10.28 -3.36 -3.26
N ARG A 136 10.29 -3.35 -3.25
CA ARG A 136 8.86 -3.56 -3.24
CA ARG A 136 8.85 -3.54 -3.21
C ARG A 136 8.33 -4.19 -4.53
C ARG A 136 8.31 -4.16 -4.50
N MET A 137 9.21 -4.81 -5.30
N MET A 137 9.19 -4.80 -5.26
CA MET A 137 8.87 -5.41 -6.57
CA MET A 137 8.85 -5.40 -6.53
C MET A 137 9.15 -6.90 -6.55
C MET A 137 9.16 -6.91 -6.55
N ALA A 138 8.57 -7.59 -7.53
CA ALA A 138 8.86 -8.99 -7.78
C ALA A 138 8.51 -9.22 -9.26
N ILE A 139 9.06 -10.30 -9.81
CA ILE A 139 8.70 -10.76 -11.15
C ILE A 139 8.15 -12.16 -10.97
N ALA A 140 7.05 -12.45 -11.67
CA ALA A 140 6.43 -13.76 -11.57
C ALA A 140 5.91 -14.19 -12.93
N GLY A 141 5.81 -15.51 -13.14
CA GLY A 141 5.23 -15.96 -14.38
C GLY A 141 5.03 -17.45 -14.37
N ASP A 142 4.17 -17.91 -15.29
CA ASP A 142 3.81 -19.32 -15.40
C ASP A 142 4.32 -19.89 -16.72
N SER A 143 4.83 -21.13 -16.66
CA SER A 143 5.14 -21.92 -17.86
C SER A 143 6.23 -21.16 -18.65
N ALA A 144 6.01 -20.83 -19.92
CA ALA A 144 6.97 -20.02 -20.65
C ALA A 144 7.29 -18.74 -19.88
N GLY A 145 6.28 -18.16 -19.24
CA GLY A 145 6.48 -16.97 -18.46
C GLY A 145 7.33 -17.17 -17.23
N GLY A 146 7.34 -18.39 -16.70
CA GLY A 146 8.24 -18.74 -15.63
C GLY A 146 9.67 -18.82 -16.08
N GLY A 147 9.91 -19.40 -17.27
CA GLY A 147 11.22 -19.32 -17.87
C GLY A 147 11.62 -17.88 -18.17
N LEU A 148 10.69 -17.10 -18.70
CA LEU A 148 10.93 -15.71 -19.00
C LEU A 148 11.28 -14.93 -17.75
N THR A 149 10.67 -15.27 -16.62
CA THR A 149 10.99 -14.61 -15.36
C THR A 149 12.48 -14.78 -15.06
N VAL A 150 13.00 -16.01 -15.15
CA VAL A 150 14.40 -16.26 -14.87
C VAL A 150 15.27 -15.51 -15.88
N ALA A 151 14.95 -15.60 -17.18
CA ALA A 151 15.73 -14.92 -18.18
C ALA A 151 15.75 -13.40 -17.96
N THR A 152 14.62 -12.85 -17.57
CA THR A 152 14.52 -11.41 -17.33
C THR A 152 15.45 -11.01 -16.20
N LEU A 153 15.44 -11.77 -15.10
CA LEU A 153 16.33 -11.49 -14.00
C LEU A 153 17.79 -11.52 -14.43
N VAL A 154 18.17 -12.54 -15.21
CA VAL A 154 19.53 -12.66 -15.72
C VAL A 154 19.91 -11.42 -16.55
N ALA A 155 19.05 -11.07 -17.50
CA ALA A 155 19.34 -9.94 -18.38
C ALA A 155 19.41 -8.63 -17.63
N LEU A 156 18.51 -8.43 -16.66
CA LEU A 156 18.55 -7.22 -15.82
C LEU A 156 19.85 -7.16 -15.05
N ARG A 157 20.20 -8.28 -14.42
CA ARG A 157 21.44 -8.34 -13.63
C ARG A 157 22.63 -7.97 -14.47
N ASP A 158 22.72 -8.57 -15.66
CA ASP A 158 23.83 -8.37 -16.56
C ASP A 158 23.98 -6.96 -17.08
N ALA A 159 22.87 -6.21 -17.06
CA ALA A 159 22.83 -4.82 -17.44
C ALA A 159 22.99 -3.87 -16.25
N GLY A 160 23.32 -4.40 -15.08
CA GLY A 160 23.53 -3.58 -13.91
C GLY A 160 22.28 -2.97 -13.31
N VAL A 161 21.11 -3.52 -13.66
CA VAL A 161 19.86 -3.02 -13.16
C VAL A 161 19.61 -3.63 -11.78
N PRO A 162 19.14 -2.86 -10.77
CA PRO A 162 18.84 -3.47 -9.49
C PRO A 162 17.71 -4.47 -9.57
N LEU A 163 17.94 -5.65 -8.98
CA LEU A 163 17.02 -6.74 -9.04
C LEU A 163 15.94 -6.58 -7.98
N PRO A 164 14.78 -7.21 -8.18
CA PRO A 164 13.66 -7.06 -7.26
C PRO A 164 13.86 -7.92 -6.03
N ALA A 165 12.92 -7.80 -5.10
CA ALA A 165 13.02 -8.51 -3.83
C ALA A 165 12.93 -10.01 -3.92
N ALA A 166 12.18 -10.50 -4.92
CA ALA A 166 11.91 -11.93 -5.06
C ALA A 166 11.32 -12.17 -6.44
N ALA A 167 11.23 -13.46 -6.77
CA ALA A 167 10.60 -13.87 -8.02
C ALA A 167 9.89 -15.20 -7.80
N VAL A 168 8.90 -15.45 -8.67
CA VAL A 168 8.05 -16.61 -8.56
C VAL A 168 7.87 -17.25 -9.93
N CYS A 169 8.10 -18.55 -10.00
CA CYS A 169 7.93 -19.34 -11.22
C CYS A 169 6.90 -20.44 -10.99
N LEU A 170 5.87 -20.46 -11.85
N LEU A 170 5.85 -20.45 -11.81
CA LEU A 170 4.78 -21.43 -11.74
CA LEU A 170 4.76 -21.42 -11.73
C LEU A 170 4.93 -22.40 -12.88
C LEU A 170 4.93 -22.40 -12.88
N SER A 171 5.33 -23.64 -12.59
CA SER A 171 5.59 -24.65 -13.61
C SER A 171 6.46 -24.13 -14.74
N PRO A 172 7.62 -23.55 -14.44
CA PRO A 172 8.42 -22.93 -15.49
C PRO A 172 8.88 -23.89 -16.57
N TRP A 173 8.96 -23.37 -17.79
CA TRP A 173 9.53 -24.05 -18.94
C TRP A 173 10.91 -23.45 -19.22
N VAL A 174 11.95 -24.21 -18.92
CA VAL A 174 13.34 -23.77 -19.05
C VAL A 174 14.21 -24.63 -19.96
N ASP A 175 13.70 -25.80 -20.39
CA ASP A 175 14.41 -26.74 -21.24
C ASP A 175 13.61 -26.86 -22.54
N LEU A 176 14.07 -26.17 -23.58
N LEU A 176 14.07 -26.17 -23.58
CA LEU A 176 13.34 -26.08 -24.84
CA LEU A 176 13.36 -26.08 -24.83
C LEU A 176 13.48 -27.36 -25.69
C LEU A 176 13.60 -27.30 -25.75
N GLU A 177 14.33 -28.29 -25.26
CA GLU A 177 14.50 -29.57 -25.94
C GLU A 177 13.65 -30.68 -25.40
N GLY A 178 13.08 -30.50 -24.22
CA GLY A 178 12.27 -31.52 -23.60
C GLY A 178 13.01 -32.82 -23.35
N ILE A 179 14.15 -32.71 -22.66
CA ILE A 179 15.02 -33.84 -22.36
C ILE A 179 15.05 -34.23 -20.89
N GLY A 180 14.21 -33.59 -20.06
CA GLY A 180 14.09 -34.01 -18.67
C GLY A 180 13.47 -35.38 -18.60
N GLU A 181 13.80 -36.13 -17.55
CA GLU A 181 13.24 -37.47 -17.40
C GLU A 181 11.72 -37.47 -17.38
N SER A 182 11.12 -36.51 -16.67
CA SER A 182 9.68 -36.46 -16.51
C SER A 182 8.95 -36.23 -17.84
N MET A 183 9.65 -35.72 -18.86
CA MET A 183 9.03 -35.55 -20.18
C MET A 183 8.55 -36.90 -20.71
N THR A 184 9.26 -37.95 -20.33
CA THR A 184 8.88 -39.34 -20.63
C THR A 184 8.01 -39.93 -19.51
N THR A 185 8.48 -39.86 -18.26
CA THR A 185 7.84 -40.59 -17.17
C THR A 185 6.51 -40.05 -16.67
N LYS A 186 6.23 -38.76 -16.93
CA LYS A 186 4.96 -38.17 -16.54
C LYS A 186 4.05 -37.90 -17.73
N ALA A 187 4.44 -38.40 -18.93
CA ALA A 187 3.64 -38.17 -20.12
C ALA A 187 2.21 -38.70 -19.94
N ALA A 188 2.09 -39.86 -19.27
CA ALA A 188 0.79 -40.47 -19.07
C ALA A 188 -0.19 -39.70 -18.21
N VAL A 189 0.34 -38.95 -17.23
CA VAL A 189 -0.50 -38.25 -16.27
C VAL A 189 -0.70 -36.77 -16.59
N ASP A 190 0.02 -36.25 -17.59
CA ASP A 190 -0.04 -34.84 -17.88
C ASP A 190 -1.10 -34.62 -18.96
N PRO A 191 -2.23 -33.97 -18.62
CA PRO A 191 -3.32 -33.78 -19.58
C PRO A 191 -3.17 -32.54 -20.48
N MET A 192 -2.07 -31.81 -20.34
CA MET A 192 -1.86 -30.56 -21.04
C MET A 192 -0.60 -30.47 -21.87
N VAL A 193 0.54 -30.83 -21.28
CA VAL A 193 1.86 -30.62 -21.87
C VAL A 193 2.48 -31.94 -22.24
N GLN A 194 2.95 -32.03 -23.49
CA GLN A 194 3.70 -33.17 -23.98
C GLN A 194 4.86 -32.64 -24.80
N ARG A 195 5.80 -33.52 -25.14
CA ARG A 195 6.98 -33.05 -25.83
C ARG A 195 6.69 -32.45 -27.21
N GLU A 196 5.78 -33.05 -27.99
CA GLU A 196 5.55 -32.58 -29.34
C GLU A 196 5.10 -31.11 -29.38
N PRO A 197 4.05 -30.71 -28.62
CA PRO A 197 3.67 -29.30 -28.62
C PRO A 197 4.76 -28.36 -28.11
N LEU A 198 5.53 -28.82 -27.11
N LEU A 198 5.53 -28.81 -27.12
CA LEU A 198 6.64 -27.99 -26.61
CA LEU A 198 6.62 -27.99 -26.61
C LEU A 198 7.65 -27.74 -27.72
C LEU A 198 7.66 -27.74 -27.71
N LEU A 199 8.02 -28.77 -28.47
CA LEU A 199 8.98 -28.58 -29.54
C LEU A 199 8.43 -27.69 -30.63
N ARG A 200 7.13 -27.83 -30.92
CA ARG A 200 6.48 -26.98 -31.90
C ARG A 200 6.59 -25.50 -31.53
N MET A 201 6.28 -25.19 -30.27
N MET A 201 6.25 -25.18 -30.28
CA MET A 201 6.36 -23.82 -29.82
CA MET A 201 6.34 -23.82 -29.77
C MET A 201 7.80 -23.34 -29.71
C MET A 201 7.79 -23.34 -29.69
N ALA A 202 8.69 -24.22 -29.23
CA ALA A 202 10.11 -23.86 -29.17
C ALA A 202 10.66 -23.48 -30.52
N SER A 203 10.25 -24.20 -31.57
CA SER A 203 10.72 -23.87 -32.91
C SER A 203 10.29 -22.46 -33.32
N MET A 204 9.02 -22.12 -33.03
CA MET A 204 8.51 -20.79 -33.33
C MET A 204 9.30 -19.70 -32.59
N TYR A 205 9.59 -19.95 -31.31
CA TYR A 205 10.30 -18.98 -30.48
C TYR A 205 11.77 -18.85 -30.90
N LEU A 206 12.42 -19.98 -31.17
CA LEU A 206 13.85 -19.99 -31.46
C LEU A 206 14.21 -19.54 -32.85
N ALA A 207 13.36 -19.84 -33.83
CA ALA A 207 13.60 -19.48 -35.21
C ALA A 207 15.03 -19.92 -35.63
N GLY A 208 15.38 -21.17 -35.33
CA GLY A 208 16.66 -21.74 -35.73
C GLY A 208 17.82 -21.48 -34.81
N GLN A 209 17.61 -20.65 -33.77
CA GLN A 209 18.64 -20.43 -32.78
C GLN A 209 18.88 -21.67 -31.93
N ASP A 210 20.08 -21.77 -31.35
CA ASP A 210 20.46 -22.88 -30.51
C ASP A 210 19.42 -23.03 -29.41
N PRO A 211 18.82 -24.23 -29.23
CA PRO A 211 17.82 -24.40 -28.18
C PRO A 211 18.35 -24.27 -26.77
N ARG A 212 19.68 -24.22 -26.62
CA ARG A 212 20.31 -23.96 -25.33
C ARG A 212 20.78 -22.50 -25.15
N THR A 213 20.32 -21.60 -26.03
CA THR A 213 20.57 -20.16 -25.92
C THR A 213 20.13 -19.74 -24.52
N PRO A 214 21.03 -19.21 -23.68
CA PRO A 214 20.70 -19.05 -22.27
C PRO A 214 19.47 -18.20 -21.94
N LEU A 215 19.23 -17.11 -22.69
CA LEU A 215 18.07 -16.28 -22.36
C LEU A 215 16.75 -16.87 -22.89
N ALA A 216 16.85 -17.88 -23.77
CA ALA A 216 15.68 -18.62 -24.21
C ALA A 216 15.37 -19.83 -23.32
N ALA A 217 16.45 -20.46 -22.83
CA ALA A 217 16.43 -21.70 -22.09
C ALA A 217 17.30 -21.51 -20.85
N PRO A 218 16.77 -20.87 -19.79
CA PRO A 218 17.63 -20.45 -18.69
C PRO A 218 18.18 -21.55 -17.80
N LEU A 219 17.84 -22.82 -18.08
CA LEU A 219 18.63 -23.92 -17.57
C LEU A 219 20.11 -23.79 -17.92
N TYR A 220 20.44 -23.03 -18.95
CA TYR A 220 21.82 -22.84 -19.39
C TYR A 220 22.36 -21.45 -19.10
N ALA A 221 21.60 -20.63 -18.37
CA ALA A 221 22.01 -19.30 -18.02
C ALA A 221 22.78 -19.28 -16.71
N ASP A 222 23.55 -18.19 -16.51
CA ASP A 222 24.27 -17.97 -15.27
C ASP A 222 23.33 -17.32 -14.28
N LEU A 223 22.99 -18.03 -13.21
CA LEU A 223 21.98 -17.59 -12.27
C LEU A 223 22.50 -16.92 -11.02
N ARG A 224 23.83 -16.72 -10.92
CA ARG A 224 24.39 -16.13 -9.72
C ARG A 224 23.83 -14.74 -9.47
N GLY A 225 23.52 -14.45 -8.22
CA GLY A 225 23.01 -13.16 -7.82
C GLY A 225 21.53 -12.93 -7.93
N LEU A 226 20.77 -13.92 -8.37
CA LEU A 226 19.32 -13.78 -8.45
C LEU A 226 18.74 -13.67 -7.05
N PRO A 227 17.59 -13.00 -6.90
CA PRO A 227 16.93 -12.84 -5.62
C PRO A 227 16.18 -14.13 -5.27
N PRO A 228 15.62 -14.19 -4.04
CA PRO A 228 14.90 -15.38 -3.62
C PRO A 228 13.82 -15.79 -4.60
N LEU A 229 13.82 -17.10 -4.92
N LEU A 229 13.76 -17.10 -4.86
CA LEU A 229 12.90 -17.68 -5.90
CA LEU A 229 12.94 -17.62 -5.93
C LEU A 229 11.97 -18.64 -5.20
C LEU A 229 12.03 -18.73 -5.42
N LEU A 230 10.71 -18.58 -5.61
CA LEU A 230 9.73 -19.63 -5.30
C LEU A 230 9.40 -20.29 -6.61
N ILE A 231 9.57 -21.61 -6.66
CA ILE A 231 9.19 -22.42 -7.81
C ILE A 231 8.10 -23.37 -7.35
N GLN A 232 6.88 -23.19 -7.89
CA GLN A 232 5.77 -24.10 -7.64
C GLN A 232 5.58 -24.98 -8.87
N VAL A 233 5.43 -26.27 -8.67
CA VAL A 233 5.30 -27.21 -9.79
C VAL A 233 4.45 -28.37 -9.30
N GLY A 234 3.71 -28.99 -10.22
CA GLY A 234 2.95 -30.17 -9.88
C GLY A 234 3.70 -31.44 -10.19
N THR A 235 3.40 -32.51 -9.45
CA THR A 235 4.08 -33.77 -9.73
C THR A 235 3.51 -34.51 -10.94
N ALA A 236 2.31 -34.15 -11.40
CA ALA A 236 1.70 -34.76 -12.58
C ALA A 236 1.98 -33.90 -13.80
N GLU A 237 3.27 -33.62 -14.01
CA GLU A 237 3.74 -32.72 -15.03
C GLU A 237 4.95 -33.27 -15.76
N THR A 238 4.87 -33.30 -17.09
CA THR A 238 6.05 -33.52 -17.88
C THR A 238 7.13 -32.46 -17.62
N LEU A 239 6.70 -31.24 -17.26
CA LEU A 239 7.65 -30.18 -16.91
C LEU A 239 8.18 -30.26 -15.46
N LEU A 240 7.85 -31.29 -14.70
CA LEU A 240 8.38 -31.42 -13.33
C LEU A 240 9.88 -31.23 -13.30
N ASP A 241 10.60 -31.92 -14.17
CA ASP A 241 12.06 -31.87 -14.11
C ASP A 241 12.62 -30.55 -14.61
N ASP A 242 11.83 -29.71 -15.30
CA ASP A 242 12.29 -28.35 -15.56
C ASP A 242 12.48 -27.61 -14.23
N SER A 243 11.50 -27.75 -13.35
CA SER A 243 11.59 -27.11 -12.03
C SER A 243 12.68 -27.69 -11.17
N VAL A 244 12.83 -29.01 -11.17
CA VAL A 244 13.86 -29.66 -10.37
C VAL A 244 15.23 -29.19 -10.84
N ARG A 245 15.48 -29.21 -12.14
CA ARG A 245 16.77 -28.79 -12.70
C ARG A 245 17.01 -27.30 -12.47
N LEU A 246 15.96 -26.47 -12.57
CA LEU A 246 16.11 -25.06 -12.30
C LEU A 246 16.54 -24.83 -10.85
N ALA A 247 15.90 -25.53 -9.92
CA ALA A 247 16.22 -25.37 -8.50
C ALA A 247 17.66 -25.79 -8.25
N GLU A 248 18.09 -26.91 -8.85
CA GLU A 248 19.45 -27.38 -8.70
C GLU A 248 20.43 -26.31 -9.18
N ARG A 249 20.16 -25.76 -10.37
CA ARG A 249 21.08 -24.79 -10.97
C ARG A 249 21.14 -23.50 -10.14
N ALA A 250 19.97 -23.03 -9.71
CA ALA A 250 19.89 -21.81 -8.95
C ALA A 250 20.61 -21.96 -7.59
N ARG A 251 20.35 -23.06 -6.88
CA ARG A 251 21.01 -23.30 -5.61
C ARG A 251 22.51 -23.41 -5.77
N ALA A 252 22.97 -24.07 -6.84
CA ALA A 252 24.40 -24.21 -7.10
C ALA A 252 25.07 -22.85 -7.32
N ALA A 253 24.29 -21.86 -7.77
CA ALA A 253 24.70 -20.50 -8.01
C ALA A 253 24.46 -19.57 -6.81
N GLY A 254 24.09 -20.16 -5.66
CA GLY A 254 23.93 -19.42 -4.42
C GLY A 254 22.62 -18.72 -4.21
N VAL A 255 21.63 -18.98 -5.07
CA VAL A 255 20.34 -18.33 -4.99
C VAL A 255 19.52 -19.01 -3.90
N GLN A 256 18.78 -18.22 -3.14
N GLN A 256 18.72 -18.22 -3.17
CA GLN A 256 17.78 -18.73 -2.21
CA GLN A 256 17.82 -18.78 -2.17
C GLN A 256 16.63 -19.26 -3.09
C GLN A 256 16.48 -19.27 -2.77
N VAL A 257 16.42 -20.57 -3.07
CA VAL A 257 15.36 -21.21 -3.79
C VAL A 257 14.44 -21.94 -2.82
N THR A 258 13.14 -21.83 -3.06
CA THR A 258 12.16 -22.69 -2.47
C THR A 258 11.50 -23.43 -3.62
N LEU A 259 11.71 -24.75 -3.68
CA LEU A 259 11.05 -25.62 -4.64
C LEU A 259 9.91 -26.31 -3.96
N GLU A 260 8.68 -26.05 -4.43
CA GLU A 260 7.47 -26.62 -3.89
C GLU A 260 6.80 -27.54 -4.90
N PRO A 261 7.00 -28.86 -4.79
CA PRO A 261 6.29 -29.82 -5.63
C PRO A 261 4.97 -30.20 -5.01
N TRP A 262 3.87 -29.87 -5.68
CA TRP A 262 2.53 -30.14 -5.19
C TRP A 262 2.08 -31.48 -5.75
N GLU A 263 1.87 -32.43 -4.86
N GLU A 263 1.90 -32.45 -4.86
CA GLU A 263 1.53 -33.79 -5.22
CA GLU A 263 1.54 -33.80 -5.22
C GLU A 263 0.26 -33.85 -6.08
C GLU A 263 0.27 -33.85 -6.08
N ASP A 264 0.39 -34.53 -7.22
CA ASP A 264 -0.70 -34.81 -8.16
C ASP A 264 -1.19 -33.61 -8.95
N MET A 265 -0.64 -32.42 -8.73
CA MET A 265 -1.10 -31.27 -9.46
C MET A 265 -0.62 -31.26 -10.89
N ILE A 266 -1.45 -30.66 -11.75
CA ILE A 266 -1.21 -30.50 -13.17
C ILE A 266 -0.69 -29.10 -13.49
N HIS A 267 -0.30 -28.94 -14.73
CA HIS A 267 0.41 -27.75 -15.19
C HIS A 267 -0.41 -26.48 -14.89
N VAL A 268 0.23 -25.53 -14.22
CA VAL A 268 -0.37 -24.23 -13.88
C VAL A 268 -1.76 -24.43 -13.30
N TRP A 269 -1.84 -25.36 -12.35
CA TRP A 269 -3.08 -25.66 -11.67
C TRP A 269 -3.69 -24.41 -10.99
N GLN A 270 -2.82 -23.45 -10.64
CA GLN A 270 -3.25 -22.20 -10.05
C GLN A 270 -4.27 -21.47 -10.89
N ALA A 271 -4.18 -21.62 -12.20
CA ALA A 271 -5.10 -20.93 -13.09
C ALA A 271 -6.54 -21.40 -12.92
N PHE A 272 -6.73 -22.58 -12.33
CA PHE A 272 -8.02 -23.20 -12.13
C PHE A 272 -8.58 -22.99 -10.74
N ALA A 273 -7.99 -22.03 -10.01
CA ALA A 273 -8.34 -21.78 -8.63
C ALA A 273 -9.81 -21.51 -8.36
N ALA A 274 -10.58 -21.03 -9.36
CA ALA A 274 -12.00 -20.83 -9.14
C ALA A 274 -12.68 -22.13 -8.72
N MET A 275 -12.21 -23.27 -9.21
CA MET A 275 -12.83 -24.55 -8.96
C MET A 275 -11.95 -25.56 -8.24
N LEU A 276 -10.63 -25.32 -8.25
CA LEU A 276 -9.67 -26.27 -7.73
C LEU A 276 -9.07 -25.76 -6.43
N PRO A 277 -9.41 -26.34 -5.27
CA PRO A 277 -8.91 -25.83 -3.99
C PRO A 277 -7.40 -25.67 -3.91
N GLU A 278 -6.65 -26.65 -4.44
CA GLU A 278 -5.20 -26.57 -4.45
C GLU A 278 -4.69 -25.38 -5.24
N GLY A 279 -5.44 -24.93 -6.25
CA GLY A 279 -5.06 -23.78 -6.99
C GLY A 279 -5.09 -22.52 -6.13
N GLN A 280 -6.19 -22.34 -5.37
N GLN A 280 -6.19 -22.35 -5.37
CA GLN A 280 -6.26 -21.20 -4.48
CA GLN A 280 -6.34 -21.25 -4.45
C GLN A 280 -5.27 -21.32 -3.31
C GLN A 280 -5.27 -21.33 -3.32
N GLN A 281 -5.05 -22.53 -2.79
CA GLN A 281 -4.06 -22.74 -1.75
C GLN A 281 -2.69 -22.31 -2.24
N ALA A 282 -2.33 -22.68 -3.45
CA ALA A 282 -1.01 -22.36 -3.99
C ALA A 282 -0.88 -20.86 -4.19
N ILE A 283 -1.95 -20.19 -4.63
CA ILE A 283 -1.90 -18.75 -4.78
C ILE A 283 -1.74 -18.05 -3.44
N GLU A 284 -2.40 -18.55 -2.40
N GLU A 284 -2.41 -18.55 -2.40
CA GLU A 284 -2.21 -17.98 -1.08
CA GLU A 284 -2.21 -18.01 -1.07
C GLU A 284 -0.74 -18.09 -0.66
C GLU A 284 -0.75 -18.09 -0.66
N ARG A 285 -0.11 -19.20 -0.99
CA ARG A 285 1.30 -19.40 -0.70
C ARG A 285 2.19 -18.40 -1.47
N ILE A 286 1.86 -18.16 -2.75
CA ILE A 286 2.57 -17.14 -3.48
C ILE A 286 2.49 -15.79 -2.77
N GLY A 287 1.28 -15.42 -2.32
CA GLY A 287 1.13 -14.16 -1.62
C GLY A 287 1.93 -14.10 -0.33
N GLU A 288 1.93 -15.19 0.43
N GLU A 288 1.94 -15.19 0.43
CA GLU A 288 2.70 -15.28 1.67
CA GLU A 288 2.71 -15.27 1.67
C GLU A 288 4.20 -15.07 1.39
C GLU A 288 4.20 -15.07 1.39
N PHE A 289 4.71 -15.77 0.37
CA PHE A 289 6.11 -15.71 0.01
C PHE A 289 6.49 -14.26 -0.37
N LEU A 290 5.68 -13.63 -1.22
CA LEU A 290 5.97 -12.27 -1.64
C LEU A 290 5.95 -11.30 -0.45
N ARG A 291 4.90 -11.39 0.38
CA ARG A 291 4.80 -10.48 1.49
C ARG A 291 5.96 -10.64 2.45
N GLN A 292 6.41 -11.88 2.63
CA GLN A 292 7.59 -12.15 3.46
C GLN A 292 8.83 -11.43 2.96
N HIS A 293 9.05 -11.46 1.65
CA HIS A 293 10.25 -10.84 1.06
C HIS A 293 10.18 -9.35 0.90
N TRP A 294 8.98 -8.82 1.09
CA TRP A 294 8.74 -7.39 1.12
C TRP A 294 8.78 -6.77 2.51
N GLN A 295 8.65 -7.57 3.58
CA GLN A 295 8.84 -7.11 4.98
C GLN A 295 10.18 -6.38 4.97
N ALA B 1 -0.05 37.17 8.84
CA ALA B 1 -0.58 38.52 8.52
C ALA B 1 -0.78 38.82 7.05
N SER B 2 -0.73 37.80 6.17
CA SER B 2 -1.30 37.92 4.82
C SER B 2 -2.75 38.47 4.88
N GLU B 3 -3.19 39.20 3.85
CA GLU B 3 -4.61 39.68 3.80
C GLU B 3 -5.60 38.51 3.77
N ALA B 4 -5.14 37.37 3.25
CA ALA B 4 -5.93 36.17 3.25
C ALA B 4 -6.36 35.81 4.66
N LEU B 5 -5.48 36.02 5.65
CA LEU B 5 -5.84 35.65 7.00
C LEU B 5 -7.13 36.34 7.46
N THR B 6 -7.19 37.64 7.22
N THR B 6 -7.18 37.66 7.34
CA THR B 6 -8.31 38.43 7.67
CA THR B 6 -8.37 38.37 7.79
C THR B 6 -9.61 37.89 7.03
C THR B 6 -9.64 37.96 7.03
N MET B 7 -9.52 37.60 5.74
CA MET B 7 -10.67 37.15 5.01
C MET B 7 -11.10 35.75 5.45
N ILE B 8 -10.14 34.87 5.69
CA ILE B 8 -10.46 33.53 6.15
C ILE B 8 -11.14 33.57 7.50
N VAL B 9 -10.61 34.40 8.40
CA VAL B 9 -11.22 34.56 9.70
C VAL B 9 -12.69 34.99 9.57
N ASN B 10 -12.94 35.98 8.70
CA ASN B 10 -14.29 36.46 8.46
C ASN B 10 -15.23 35.32 7.98
N LEU B 11 -14.76 34.59 6.96
CA LEU B 11 -15.56 33.49 6.45
C LEU B 11 -15.86 32.48 7.53
N LEU B 12 -14.85 32.11 8.32
CA LEU B 12 -15.05 31.15 9.38
C LEU B 12 -16.02 31.62 10.46
N ARG B 13 -15.96 32.91 10.81
N ARG B 13 -16.00 32.92 10.77
CA ARG B 13 -16.90 33.46 11.77
CA ARG B 13 -16.92 33.45 11.77
C ARG B 13 -18.35 33.34 11.29
C ARG B 13 -18.36 33.38 11.30
N SER B 14 -18.57 33.33 9.98
CA SER B 14 -19.87 33.11 9.39
C SER B 14 -20.24 31.63 9.29
N GLN B 15 -19.30 30.78 8.88
N GLN B 15 -19.25 30.80 8.95
CA GLN B 15 -19.56 29.36 8.73
CA GLN B 15 -19.48 29.36 8.72
C GLN B 15 -19.80 28.65 10.06
C GLN B 15 -19.74 28.62 10.03
N ARG B 16 -18.95 28.95 11.06
CA ARG B 16 -19.15 28.42 12.40
C ARG B 16 -19.39 26.91 12.42
N PRO B 17 -18.48 26.11 11.83
CA PRO B 17 -18.75 24.70 11.65
C PRO B 17 -19.10 23.91 12.90
N LEU B 18 -18.44 24.26 14.01
CA LEU B 18 -18.65 23.55 15.27
C LEU B 18 -19.91 23.96 16.02
N GLN B 19 -20.64 24.96 15.50
CA GLN B 19 -21.86 25.40 16.07
C GLN B 19 -23.08 24.87 15.34
N GLU B 20 -22.89 23.96 14.37
CA GLU B 20 -24.04 23.34 13.72
C GLU B 20 -24.86 22.56 14.75
N PRO B 21 -26.20 22.48 14.56
CA PRO B 21 -27.07 22.03 15.64
C PRO B 21 -27.07 20.57 16.00
N THR B 22 -26.61 19.73 15.09
CA THR B 22 -26.56 18.28 15.28
C THR B 22 -25.23 17.77 14.80
N VAL B 23 -24.84 16.57 15.25
N VAL B 23 -24.89 16.57 15.27
CA VAL B 23 -23.56 16.03 14.81
CA VAL B 23 -23.70 15.86 14.85
C VAL B 23 -23.57 15.81 13.29
C VAL B 23 -23.59 15.76 13.33
N GLU B 24 -24.69 15.39 12.70
CA GLU B 24 -24.69 15.16 11.26
C GLU B 24 -24.53 16.46 10.49
N GLN B 25 -25.11 17.55 11.00
CA GLN B 25 -24.92 18.87 10.37
C GLN B 25 -23.49 19.38 10.55
N MET B 26 -22.89 19.08 11.69
N MET B 26 -22.89 19.12 11.72
CA MET B 26 -21.47 19.41 11.91
CA MET B 26 -21.48 19.43 11.92
C MET B 26 -20.60 18.66 10.91
C MET B 26 -20.62 18.67 10.91
N ARG B 27 -20.88 17.36 10.75
CA ARG B 27 -20.12 16.52 9.83
C ARG B 27 -20.23 17.04 8.42
N ALA B 28 -21.47 17.31 7.98
CA ALA B 28 -21.73 17.77 6.62
C ALA B 28 -21.11 19.13 6.37
N GLY B 29 -21.16 20.00 7.38
CA GLY B 29 -20.56 21.33 7.27
C GLY B 29 -19.06 21.28 6.98
N LEU B 30 -18.36 20.41 7.71
CA LEU B 30 -16.92 20.27 7.53
C LEU B 30 -16.62 19.68 6.15
N GLU B 31 -17.44 18.70 5.72
CA GLU B 31 -17.29 18.13 4.38
C GLU B 31 -17.47 19.21 3.30
N ALA B 32 -18.45 20.10 3.50
CA ALA B 32 -18.68 21.15 2.55
C ALA B 32 -17.51 22.13 2.45
N MET B 33 -16.91 22.44 3.60
CA MET B 33 -15.72 23.29 3.64
C MET B 33 -14.57 22.65 2.87
N ALA B 34 -14.34 21.37 3.13
CA ALA B 34 -13.20 20.67 2.53
C ALA B 34 -13.30 20.58 1.02
N GLN B 35 -14.53 20.53 0.50
CA GLN B 35 -14.80 20.57 -0.94
C GLN B 35 -14.21 21.80 -1.63
N MET B 36 -13.96 22.86 -0.86
CA MET B 36 -13.41 24.09 -1.41
C MET B 36 -11.95 23.95 -1.83
N SER B 37 -11.17 23.10 -1.15
CA SER B 37 -9.73 22.98 -1.41
C SER B 37 -9.53 21.69 -2.20
N PRO B 38 -9.62 21.73 -3.55
CA PRO B 38 -9.58 20.50 -4.36
C PRO B 38 -8.19 19.85 -4.48
N LEU B 39 -8.22 18.53 -4.69
CA LEU B 39 -7.03 17.69 -4.70
C LEU B 39 -6.29 17.89 -6.02
N PRO B 40 -4.99 18.24 -5.98
CA PRO B 40 -4.16 18.28 -7.19
C PRO B 40 -4.23 16.97 -7.95
N ALA B 41 -4.06 17.05 -9.28
CA ALA B 41 -4.16 15.90 -10.17
C ALA B 41 -3.13 14.82 -9.89
N ASP B 42 -1.99 15.21 -9.29
CA ASP B 42 -0.92 14.25 -9.03
C ASP B 42 -1.06 13.48 -7.71
N VAL B 43 -2.14 13.72 -6.96
CA VAL B 43 -2.36 13.01 -5.70
C VAL B 43 -3.04 11.69 -6.04
N GLU B 44 -2.53 10.61 -5.46
N GLU B 44 -2.51 10.60 -5.49
CA GLU B 44 -3.11 9.28 -5.57
CA GLU B 44 -3.13 9.28 -5.57
C GLU B 44 -3.63 8.87 -4.19
C GLU B 44 -3.66 8.94 -4.20
N LEU B 45 -4.94 8.60 -4.13
CA LEU B 45 -5.59 8.15 -2.92
C LEU B 45 -6.08 6.74 -3.20
N THR B 46 -5.79 5.83 -2.26
N THR B 46 -5.74 5.80 -2.34
CA THR B 46 -6.06 4.39 -2.36
CA THR B 46 -6.40 4.54 -2.42
C THR B 46 -6.68 3.92 -1.03
C THR B 46 -6.74 4.02 -1.07
N THR B 47 -7.96 3.53 -1.01
CA THR B 47 -8.55 3.02 0.20
C THR B 47 -7.90 1.68 0.54
N VAL B 48 -7.79 1.40 1.84
CA VAL B 48 -7.17 0.21 2.36
C VAL B 48 -7.79 -0.13 3.71
N ASP B 49 -7.82 -1.42 4.03
CA ASP B 49 -8.17 -1.91 5.36
C ASP B 49 -6.86 -1.96 6.15
N ALA B 50 -6.69 -1.01 7.07
CA ALA B 50 -5.46 -0.89 7.84
C ALA B 50 -5.61 -1.74 9.08
N GLY B 51 -5.62 -3.06 8.87
CA GLY B 51 -5.69 -4.01 9.96
C GLY B 51 -6.94 -3.96 10.79
N GLY B 52 -8.08 -3.65 10.15
N GLY B 52 -8.09 -3.70 10.14
CA GLY B 52 -9.38 -3.59 10.80
CA GLY B 52 -9.40 -3.63 10.79
C GLY B 52 -9.99 -2.21 10.79
C GLY B 52 -9.86 -2.23 11.10
N VAL B 53 -9.16 -1.18 10.59
N VAL B 53 -9.24 -1.25 10.44
CA VAL B 53 -9.64 0.19 10.55
CA VAL B 53 -9.56 0.17 10.53
C VAL B 53 -9.58 0.71 9.12
C VAL B 53 -9.59 0.64 9.08
N PRO B 54 -10.67 1.28 8.57
CA PRO B 54 -10.61 1.77 7.20
C PRO B 54 -9.67 2.95 7.10
N GLY B 55 -8.95 3.01 6.01
CA GLY B 55 -8.08 4.11 5.76
C GLY B 55 -7.85 4.37 4.31
N ALA B 56 -6.92 5.28 4.04
CA ALA B 56 -6.49 5.57 2.71
C ALA B 56 -5.04 5.94 2.69
N TRP B 57 -4.32 5.39 1.73
CA TRP B 57 -3.01 5.87 1.39
C TRP B 57 -3.12 7.15 0.59
N VAL B 58 -2.36 8.16 1.00
CA VAL B 58 -2.27 9.43 0.29
C VAL B 58 -0.84 9.58 -0.14
N ARG B 59 -0.64 9.63 -1.47
CA ARG B 59 0.66 9.60 -2.07
C ARG B 59 0.76 10.64 -3.17
N VAL B 60 1.97 11.15 -3.35
CA VAL B 60 2.29 12.12 -4.37
C VAL B 60 3.53 11.60 -5.08
N PRO B 61 3.94 12.16 -6.24
CA PRO B 61 5.09 11.61 -6.95
C PRO B 61 6.37 11.53 -6.13
N GLU B 62 6.56 12.47 -5.20
CA GLU B 62 7.77 12.46 -4.39
C GLU B 62 7.64 11.70 -3.07
N SER B 63 6.54 10.96 -2.89
CA SER B 63 6.44 10.08 -1.70
C SER B 63 7.47 8.97 -1.75
N ASP B 64 8.30 8.87 -0.73
CA ASP B 64 9.18 7.74 -0.54
C ASP B 64 8.44 6.75 0.35
N PRO B 65 8.04 5.57 -0.15
CA PRO B 65 7.24 4.63 0.65
C PRO B 65 7.94 4.05 1.85
N ASP B 66 9.25 4.23 1.94
CA ASP B 66 9.96 3.85 3.17
C ASP B 66 9.61 4.67 4.38
N ARG B 67 9.02 5.84 4.15
CA ARG B 67 8.66 6.74 5.21
C ARG B 67 7.17 6.87 5.24
N VAL B 68 6.60 6.79 6.44
N VAL B 68 6.58 6.74 6.43
CA VAL B 68 5.16 6.81 6.61
CA VAL B 68 5.16 6.83 6.60
C VAL B 68 4.73 7.64 7.79
C VAL B 68 4.82 7.77 7.75
N VAL B 69 3.74 8.52 7.54
CA VAL B 69 3.05 9.23 8.60
C VAL B 69 1.67 8.61 8.75
N LEU B 70 1.33 8.17 9.96
CA LEU B 70 -0.04 7.81 10.34
C LEU B 70 -0.69 9.13 10.73
N TYR B 71 -1.69 9.58 9.97
CA TYR B 71 -2.33 10.85 10.18
C TYR B 71 -3.69 10.66 10.80
N LEU B 72 -3.92 11.38 11.91
CA LEU B 72 -5.11 11.29 12.77
C LEU B 72 -5.86 12.61 12.68
N HIS B 73 -6.97 12.61 11.93
CA HIS B 73 -7.68 13.83 11.63
C HIS B 73 -8.34 14.45 12.85
N GLY B 74 -8.53 15.76 12.78
CA GLY B 74 -9.32 16.47 13.76
C GLY B 74 -10.79 16.38 13.52
N GLY B 75 -11.54 17.09 14.36
CA GLY B 75 -12.97 17.01 14.39
C GLY B 75 -13.60 16.68 15.72
N GLY B 76 -12.90 16.96 16.82
CA GLY B 76 -13.51 16.87 18.13
C GLY B 76 -13.84 15.46 18.59
N TYR B 77 -13.29 14.44 17.89
CA TYR B 77 -13.60 13.03 18.07
C TYR B 77 -15.00 12.65 17.58
N VAL B 78 -15.68 13.61 16.93
N VAL B 78 -15.66 13.60 16.91
CA VAL B 78 -17.05 13.43 16.47
CA VAL B 78 -17.05 13.49 16.49
C VAL B 78 -17.24 13.62 14.96
C VAL B 78 -17.25 13.64 14.98
N ILE B 79 -16.44 14.48 14.33
CA ILE B 79 -16.55 14.79 12.90
C ILE B 79 -15.22 14.55 12.19
N GLY B 80 -15.21 14.83 10.89
CA GLY B 80 -14.06 14.67 10.06
C GLY B 80 -13.99 13.31 9.44
N SER B 81 -13.14 13.19 8.40
CA SER B 81 -13.07 11.99 7.61
C SER B 81 -11.82 12.02 6.75
N ILE B 82 -11.65 10.96 5.96
CA ILE B 82 -10.61 10.94 4.95
C ILE B 82 -10.81 12.11 3.98
N ARG B 83 -12.07 12.38 3.62
CA ARG B 83 -12.33 13.44 2.66
C ARG B 83 -12.00 14.83 3.23
N THR B 84 -12.28 15.06 4.52
CA THR B 84 -12.01 16.38 5.06
C THR B 84 -10.52 16.69 5.14
N HIS B 85 -9.72 15.65 5.39
CA HIS B 85 -8.31 15.83 5.69
C HIS B 85 -7.35 15.34 4.63
N ARG B 86 -7.85 14.87 3.49
CA ARG B 86 -6.98 14.38 2.43
C ARG B 86 -6.09 15.49 1.87
N ASP B 87 -6.55 16.73 1.84
CA ASP B 87 -5.71 17.82 1.34
C ASP B 87 -4.53 18.10 2.28
N LEU B 88 -4.82 18.17 3.58
CA LEU B 88 -3.73 18.36 4.53
C LEU B 88 -2.74 17.20 4.42
N ALA B 89 -3.28 15.98 4.33
CA ALA B 89 -2.44 14.80 4.21
C ALA B 89 -1.53 14.85 3.00
N GLN B 90 -2.06 15.23 1.82
CA GLN B 90 -1.22 15.22 0.64
C GLN B 90 -0.14 16.31 0.73
N ARG B 91 -0.49 17.46 1.34
CA ARG B 91 0.50 18.49 1.50
C ARG B 91 1.66 18.04 2.40
N ILE B 92 1.33 17.30 3.47
CA ILE B 92 2.36 16.74 4.34
C ILE B 92 3.18 15.69 3.60
N ALA B 93 2.51 14.79 2.87
CA ALA B 93 3.21 13.81 2.06
C ALA B 93 4.23 14.45 1.14
N ARG B 94 3.83 15.56 0.51
CA ARG B 94 4.68 16.26 -0.42
C ARG B 94 5.91 16.90 0.28
N ALA B 95 5.64 17.57 1.41
CA ALA B 95 6.68 18.29 2.13
C ALA B 95 7.66 17.35 2.80
N ALA B 96 7.15 16.27 3.39
CA ALA B 96 7.97 15.28 4.07
C ALA B 96 8.52 14.19 3.15
N ARG B 97 8.09 14.19 1.88
CA ARG B 97 8.49 13.18 0.91
C ARG B 97 8.23 11.77 1.43
N CYS B 98 6.98 11.54 1.85
N CYS B 98 7.01 11.53 1.90
N CYS B 98 6.98 11.52 1.84
CA CYS B 98 6.56 10.30 2.46
CA CYS B 98 6.62 10.23 2.45
CA CYS B 98 6.57 10.29 2.46
C CYS B 98 5.18 9.91 1.96
C CYS B 98 5.22 9.91 1.99
C CYS B 98 5.23 9.88 1.92
N ARG B 99 4.76 8.70 2.32
CA ARG B 99 3.35 8.34 2.14
C ARG B 99 2.63 8.55 3.46
N VAL B 100 1.35 8.86 3.37
CA VAL B 100 0.51 9.10 4.53
C VAL B 100 -0.59 8.09 4.58
N LEU B 101 -0.79 7.47 5.73
CA LEU B 101 -1.92 6.62 5.98
C LEU B 101 -2.92 7.44 6.78
N LEU B 102 -4.03 7.80 6.14
CA LEU B 102 -5.08 8.61 6.72
C LEU B 102 -6.21 7.70 7.12
N ILE B 103 -6.49 7.53 8.42
CA ILE B 103 -7.49 6.57 8.87
C ILE B 103 -8.82 7.18 9.21
N ASP B 104 -9.89 6.44 8.89
N ASP B 104 -9.87 6.42 8.90
CA ASP B 104 -11.25 6.78 9.29
CA ASP B 104 -11.23 6.75 9.25
C ASP B 104 -11.53 6.07 10.61
C ASP B 104 -11.54 6.09 10.59
N TYR B 105 -10.92 6.58 11.67
CA TYR B 105 -11.13 6.00 13.00
C TYR B 105 -12.58 6.22 13.44
N ARG B 106 -13.04 5.35 14.33
CA ARG B 106 -14.40 5.41 14.79
C ARG B 106 -14.67 6.69 15.58
N LEU B 107 -15.86 7.26 15.35
CA LEU B 107 -16.24 8.56 15.89
C LEU B 107 -17.36 8.41 16.91
N ALA B 108 -17.37 9.35 17.86
CA ALA B 108 -18.45 9.52 18.81
C ALA B 108 -19.52 10.37 18.13
N PRO B 109 -20.80 10.33 18.57
CA PRO B 109 -21.26 9.56 19.72
C PRO B 109 -21.49 8.07 19.47
N GLU B 110 -21.44 7.63 18.21
CA GLU B 110 -21.69 6.22 17.91
C GLU B 110 -20.68 5.31 18.62
N HIS B 111 -19.43 5.76 18.69
CA HIS B 111 -18.33 4.99 19.25
C HIS B 111 -17.52 5.86 20.19
N PRO B 112 -17.91 5.94 21.47
CA PRO B 112 -17.18 6.77 22.42
C PRO B 112 -15.76 6.30 22.69
N HIS B 113 -14.97 7.15 23.35
CA HIS B 113 -13.68 6.77 23.88
C HIS B 113 -13.84 5.42 24.58
N PRO B 114 -12.93 4.44 24.41
CA PRO B 114 -11.64 4.57 23.75
C PRO B 114 -11.57 4.08 22.30
N ALA B 115 -12.69 4.08 21.58
CA ALA B 115 -12.68 3.53 20.23
C ALA B 115 -11.60 4.19 19.35
N ALA B 116 -11.51 5.52 19.39
CA ALA B 116 -10.53 6.20 18.53
C ALA B 116 -9.10 5.72 18.76
N VAL B 117 -8.75 5.52 20.04
CA VAL B 117 -7.40 5.10 20.44
C VAL B 117 -7.16 3.64 20.08
N GLU B 118 -8.19 2.80 20.22
CA GLU B 118 -8.10 1.43 19.74
C GLU B 118 -7.78 1.39 18.26
N ASP B 119 -8.41 2.27 17.49
CA ASP B 119 -8.22 2.28 16.04
C ASP B 119 -6.86 2.82 15.63
N SER B 120 -6.40 3.89 16.31
N SER B 120 -6.42 3.92 16.27
CA SER B 120 -5.12 4.48 15.97
CA SER B 120 -5.12 4.47 15.97
C SER B 120 -3.98 3.50 16.29
C SER B 120 -3.99 3.47 16.27
N THR B 121 -4.05 2.85 17.45
CA THR B 121 -3.05 1.90 17.81
C THR B 121 -3.07 0.69 16.87
N ARG B 122 -4.29 0.23 16.49
CA ARG B 122 -4.39 -0.91 15.59
C ARG B 122 -3.74 -0.59 14.24
N ALA B 123 -3.99 0.62 13.73
CA ALA B 123 -3.42 1.02 12.45
C ALA B 123 -1.90 1.08 12.53
N TYR B 124 -1.36 1.63 13.62
CA TYR B 124 0.09 1.68 13.77
C TYR B 124 0.69 0.28 13.82
N ARG B 125 0.07 -0.61 14.60
CA ARG B 125 0.56 -1.99 14.69
C ARG B 125 0.50 -2.67 13.30
N TRP B 126 -0.55 -2.37 12.52
CA TRP B 126 -0.65 -2.90 11.17
C TRP B 126 0.48 -2.42 10.27
N LEU B 127 0.84 -1.14 10.37
CA LEU B 127 1.98 -0.65 9.63
C LEU B 127 3.25 -1.45 10.00
N LEU B 128 3.48 -1.72 11.28
CA LEU B 128 4.60 -2.56 11.69
C LEU B 128 4.52 -3.97 11.10
N GLU B 129 3.32 -4.58 11.15
CA GLU B 129 3.10 -5.94 10.67
C GLU B 129 3.44 -6.04 9.20
N THR B 130 3.19 -4.98 8.45
CA THR B 130 3.39 -5.00 7.02
C THR B 130 4.78 -4.49 6.61
N GLY B 131 5.64 -4.18 7.59
CA GLY B 131 7.04 -3.94 7.36
C GLY B 131 7.57 -2.54 7.55
N SER B 132 6.76 -1.59 8.03
CA SER B 132 7.26 -0.25 8.27
C SER B 132 8.24 -0.26 9.44
N ASP B 133 9.26 0.59 9.34
CA ASP B 133 10.31 0.68 10.37
C ASP B 133 10.06 1.92 11.22
N PRO B 134 9.97 1.77 12.56
CA PRO B 134 9.77 2.91 13.45
C PRO B 134 10.67 4.13 13.19
N LYS B 135 11.93 3.89 12.80
N LYS B 135 11.93 3.88 12.78
CA LYS B 135 12.83 5.00 12.58
CA LYS B 135 12.87 4.96 12.49
C LYS B 135 12.47 5.87 11.39
C LYS B 135 12.52 5.83 11.34
N ARG B 136 11.55 5.36 10.52
CA ARG B 136 11.09 6.06 9.36
C ARG B 136 9.58 6.28 9.41
N MET B 137 9.03 6.31 10.64
CA MET B 137 7.61 6.53 10.87
C MET B 137 7.39 7.79 11.68
N ALA B 138 6.16 8.28 11.65
CA ALA B 138 5.70 9.33 12.53
C ALA B 138 4.22 9.22 12.66
N ILE B 139 3.69 9.81 13.73
CA ILE B 139 2.26 9.96 13.90
C ILE B 139 2.00 11.45 13.95
N ALA B 140 0.95 11.91 13.26
CA ALA B 140 0.63 13.33 13.23
C ALA B 140 -0.87 13.52 13.28
N GLY B 141 -1.33 14.65 13.81
CA GLY B 141 -2.73 14.94 13.79
C GLY B 141 -3.04 16.34 14.21
N ASP B 142 -4.24 16.80 13.89
CA ASP B 142 -4.69 18.14 14.17
C ASP B 142 -5.83 18.10 15.18
N SER B 143 -5.79 19.04 16.12
CA SER B 143 -6.94 19.29 17.02
C SER B 143 -7.21 18.02 17.82
N ALA B 144 -8.41 17.45 17.79
CA ALA B 144 -8.64 16.20 18.47
C ALA B 144 -7.61 15.15 18.05
N GLY B 145 -7.25 15.14 16.77
CA GLY B 145 -6.25 14.23 16.27
C GLY B 145 -4.86 14.44 16.82
N GLY B 146 -4.56 15.69 17.22
CA GLY B 146 -3.32 16.01 17.88
C GLY B 146 -3.31 15.41 19.30
N GLY B 147 -4.43 15.52 20.02
CA GLY B 147 -4.58 14.79 21.27
C GLY B 147 -4.47 13.29 21.09
N LEU B 148 -5.15 12.77 20.05
CA LEU B 148 -5.13 11.36 19.76
C LEU B 148 -3.72 10.89 19.46
N THR B 149 -2.93 11.72 18.79
CA THR B 149 -1.53 11.37 18.52
C THR B 149 -0.78 11.08 19.82
N VAL B 150 -0.92 11.98 20.79
CA VAL B 150 -0.23 11.81 22.07
C VAL B 150 -0.74 10.57 22.79
N ALA B 151 -2.07 10.41 22.85
CA ALA B 151 -2.65 9.25 23.51
C ALA B 151 -2.17 7.94 22.87
N THR B 152 -2.09 7.94 21.53
CA THR B 152 -1.67 6.74 20.78
C THR B 152 -0.25 6.37 21.19
N LEU B 153 0.64 7.36 21.26
CA LEU B 153 2.01 7.10 21.66
C LEU B 153 2.08 6.50 23.08
N VAL B 154 1.31 7.07 24.01
CA VAL B 154 1.27 6.56 25.37
C VAL B 154 0.81 5.11 25.38
N ALA B 155 -0.30 4.82 24.68
CA ALA B 155 -0.87 3.49 24.69
C ALA B 155 0.09 2.47 24.04
N LEU B 156 0.74 2.88 22.94
CA LEU B 156 1.72 2.01 22.28
C LEU B 156 2.85 1.69 23.23
N ARG B 157 3.36 2.70 23.94
N ARG B 157 3.45 2.72 23.83
CA ARG B 157 4.40 2.43 24.91
CA ARG B 157 4.69 2.54 24.59
C ARG B 157 3.94 1.45 25.99
C ARG B 157 4.41 1.64 25.76
N ASP B 158 2.77 1.68 26.59
N ASP B 158 3.22 1.82 26.32
CA ASP B 158 2.27 0.79 27.63
CA ASP B 158 2.74 1.05 27.45
C ASP B 158 2.05 -0.66 27.17
C ASP B 158 2.53 -0.43 27.10
N ALA B 159 2.03 -0.86 25.85
N ALA B 159 1.93 -0.69 25.93
CA ALA B 159 2.04 -2.16 25.23
CA ALA B 159 1.56 -2.04 25.42
C ALA B 159 3.45 -2.64 24.84
C ALA B 159 2.74 -2.82 24.88
N GLY B 160 4.47 -1.81 25.10
N GLY B 160 3.89 -2.19 24.83
CA GLY B 160 5.85 -2.14 24.70
CA GLY B 160 5.13 -2.83 24.44
C GLY B 160 6.14 -2.11 23.22
C GLY B 160 5.46 -2.80 22.95
N VAL B 161 5.24 -1.47 22.46
N VAL B 161 4.95 -1.78 22.23
CA VAL B 161 5.32 -1.43 21.02
CA VAL B 161 5.22 -1.57 20.80
C VAL B 161 6.32 -0.34 20.70
C VAL B 161 6.20 -0.41 20.58
N PRO B 162 7.27 -0.55 19.76
CA PRO B 162 8.25 0.50 19.50
C PRO B 162 7.58 1.75 18.95
N LEU B 163 7.99 2.89 19.50
CA LEU B 163 7.45 4.18 19.12
C LEU B 163 8.15 4.70 17.86
N PRO B 164 7.49 5.62 17.12
CA PRO B 164 8.06 6.15 15.89
C PRO B 164 9.15 7.17 16.17
N ALA B 165 9.76 7.66 15.09
CA ALA B 165 10.87 8.60 15.19
C ALA B 165 10.50 9.98 15.74
N ALA B 166 9.25 10.36 15.49
CA ALA B 166 8.78 11.69 15.83
C ALA B 166 7.27 11.72 15.76
N ALA B 167 6.68 12.79 16.30
CA ALA B 167 5.26 13.02 16.20
C ALA B 167 4.99 14.50 16.05
N VAL B 168 3.83 14.80 15.45
CA VAL B 168 3.45 16.17 15.13
C VAL B 168 2.02 16.42 15.59
N CYS B 169 1.82 17.54 16.31
CA CYS B 169 0.52 17.94 16.81
C CYS B 169 0.23 19.34 16.30
N LEU B 170 -0.88 19.49 15.57
CA LEU B 170 -1.30 20.75 14.99
C LEU B 170 -2.49 21.25 15.77
N SER B 171 -2.31 22.32 16.55
CA SER B 171 -3.36 22.85 17.41
C SER B 171 -4.02 21.76 18.25
N PRO B 172 -3.25 20.94 18.98
CA PRO B 172 -3.84 19.80 19.68
C PRO B 172 -4.85 20.20 20.74
N TRP B 173 -5.86 19.35 20.91
CA TRP B 173 -6.87 19.43 21.92
C TRP B 173 -6.61 18.34 22.94
N VAL B 174 -6.11 18.74 24.12
CA VAL B 174 -5.72 17.81 25.16
C VAL B 174 -6.42 18.02 26.50
N ASP B 175 -7.13 19.14 26.66
CA ASP B 175 -7.86 19.50 27.87
C ASP B 175 -9.34 19.50 27.52
N LEU B 176 -10.03 18.44 27.91
N LEU B 176 -10.02 18.41 27.89
CA LEU B 176 -11.43 18.25 27.55
CA LEU B 176 -11.42 18.22 27.59
C LEU B 176 -12.38 19.10 28.41
C LEU B 176 -12.38 18.94 28.54
N GLU B 177 -11.84 19.79 29.42
CA GLU B 177 -12.63 20.68 30.29
C GLU B 177 -12.59 22.12 29.87
N GLY B 178 -11.69 22.49 28.95
CA GLY B 178 -11.58 23.86 28.50
C GLY B 178 -11.29 24.86 29.60
N ILE B 179 -10.26 24.57 30.39
CA ILE B 179 -9.89 25.40 31.52
C ILE B 179 -8.57 26.15 31.35
N GLY B 180 -7.99 26.12 30.14
CA GLY B 180 -6.82 26.94 29.88
C GLY B 180 -7.22 28.41 29.84
N GLU B 181 -6.31 29.30 30.23
CA GLU B 181 -6.61 30.70 30.27
C GLU B 181 -7.04 31.27 28.90
N SER B 182 -6.40 30.81 27.83
CA SER B 182 -6.69 31.27 26.49
C SER B 182 -8.14 30.96 26.05
N MET B 183 -8.76 29.98 26.69
CA MET B 183 -10.15 29.66 26.36
C MET B 183 -11.05 30.86 26.65
N THR B 184 -10.72 31.65 27.68
N THR B 184 -10.58 31.66 27.63
CA THR B 184 -11.52 32.81 28.01
CA THR B 184 -10.99 33.05 27.87
C THR B 184 -11.15 34.01 27.09
C THR B 184 -10.14 34.18 27.24
N THR B 185 -9.85 34.23 27.00
N THR B 185 -8.80 34.22 27.44
CA THR B 185 -9.29 35.37 26.32
CA THR B 185 -8.00 35.37 26.98
C THR B 185 -9.76 35.50 24.86
C THR B 185 -7.91 35.53 25.46
N LYS B 186 -9.75 34.37 24.13
N LYS B 186 -8.12 34.43 24.73
CA LYS B 186 -10.01 34.35 22.71
CA LYS B 186 -8.06 34.44 23.28
C LYS B 186 -11.43 33.88 22.34
C LYS B 186 -9.42 34.25 22.63
N ALA B 187 -12.33 33.77 23.32
N ALA B 187 -10.47 34.25 23.46
CA ALA B 187 -13.69 33.32 23.07
CA ALA B 187 -11.80 34.06 22.92
C ALA B 187 -14.40 34.04 21.93
C ALA B 187 -12.23 35.12 21.90
N ALA B 188 -14.24 35.37 21.84
N ALA B 188 -11.79 36.37 22.09
CA ALA B 188 -14.97 36.18 20.87
CA ALA B 188 -12.20 37.50 21.23
C ALA B 188 -14.23 36.37 19.55
C ALA B 188 -11.44 37.44 19.88
N VAL B 189 -12.98 35.89 19.47
N VAL B 189 -10.48 36.52 19.74
CA VAL B 189 -12.09 36.16 18.31
CA VAL B 189 -9.75 36.37 18.51
C VAL B 189 -11.46 34.97 17.55
C VAL B 189 -9.93 35.00 17.77
N ASP B 190 -10.78 34.03 18.25
CA ASP B 190 -10.80 32.67 17.66
C ASP B 190 -12.10 32.44 16.91
N PRO B 191 -12.03 32.34 15.57
CA PRO B 191 -13.23 32.22 14.74
C PRO B 191 -13.81 30.82 14.65
N MET B 192 -13.16 29.82 15.23
CA MET B 192 -13.55 28.42 15.04
C MET B 192 -13.86 27.63 16.31
N VAL B 193 -13.04 27.80 17.35
CA VAL B 193 -13.12 26.99 18.54
C VAL B 193 -13.47 27.89 19.72
N GLN B 194 -14.51 27.49 20.45
N GLN B 194 -14.55 27.56 20.42
CA GLN B 194 -14.93 28.16 21.68
CA GLN B 194 -14.86 28.17 21.71
C GLN B 194 -15.32 27.09 22.69
C GLN B 194 -15.31 27.09 22.68
N ARG B 195 -15.46 27.48 23.96
CA ARG B 195 -15.62 26.50 25.00
C ARG B 195 -16.88 25.63 24.86
N GLU B 196 -18.02 26.22 24.52
CA GLU B 196 -19.25 25.45 24.59
C GLU B 196 -19.24 24.33 23.56
N PRO B 197 -18.88 24.56 22.27
CA PRO B 197 -18.79 23.44 21.35
C PRO B 197 -17.77 22.39 21.76
N LEU B 198 -16.63 22.81 22.33
N LEU B 198 -16.64 22.85 22.29
CA LEU B 198 -15.65 21.83 22.80
CA LEU B 198 -15.64 21.98 22.83
C LEU B 198 -16.22 20.95 23.88
C LEU B 198 -16.25 21.00 23.83
N LEU B 199 -16.96 21.55 24.82
CA LEU B 199 -17.53 20.74 25.88
C LEU B 199 -18.59 19.79 25.35
N ARG B 200 -19.34 20.25 24.35
N ARG B 200 -19.32 20.21 24.33
CA ARG B 200 -20.31 19.40 23.69
CA ARG B 200 -20.33 19.35 23.74
C ARG B 200 -19.68 18.19 23.05
C ARG B 200 -19.67 18.15 23.05
N MET B 201 -18.59 18.40 22.32
CA MET B 201 -17.87 17.31 21.68
C MET B 201 -17.24 16.39 22.72
N ALA B 202 -16.65 16.99 23.78
CA ALA B 202 -16.06 16.20 24.83
C ALA B 202 -17.11 15.27 25.46
N SER B 203 -18.31 15.79 25.70
CA SER B 203 -19.36 14.99 26.32
C SER B 203 -19.72 13.77 25.47
N MET B 204 -19.80 13.99 24.15
CA MET B 204 -20.08 12.91 23.24
C MET B 204 -18.98 11.85 23.23
N TYR B 205 -17.73 12.30 23.22
CA TYR B 205 -16.57 11.39 23.23
C TYR B 205 -16.45 10.62 24.53
N LEU B 206 -16.70 11.27 25.66
CA LEU B 206 -16.51 10.65 26.96
C LEU B 206 -17.63 9.71 27.36
N ALA B 207 -18.86 10.02 26.97
CA ALA B 207 -20.02 9.24 27.33
C ALA B 207 -20.01 8.90 28.84
N GLY B 208 -19.79 9.93 29.66
CA GLY B 208 -19.87 9.84 31.11
C GLY B 208 -18.55 9.56 31.80
N GLN B 209 -17.50 9.24 31.02
CA GLN B 209 -16.18 9.00 31.59
C GLN B 209 -15.56 10.30 32.12
N ASP B 210 -14.64 10.14 33.08
CA ASP B 210 -13.94 11.25 33.70
C ASP B 210 -13.27 12.08 32.61
N PRO B 211 -13.46 13.43 32.56
CA PRO B 211 -12.83 14.22 31.51
C PRO B 211 -11.32 14.30 31.62
N ARG B 212 -10.72 13.83 32.71
CA ARG B 212 -9.27 13.74 32.82
C ARG B 212 -8.73 12.32 32.60
N THR B 213 -9.55 11.43 32.05
CA THR B 213 -9.15 10.09 31.65
C THR B 213 -7.92 10.23 30.76
N PRO B 214 -6.76 9.65 31.12
CA PRO B 214 -5.52 10.01 30.44
C PRO B 214 -5.46 9.77 28.94
N LEU B 215 -6.08 8.68 28.46
CA LEU B 215 -6.01 8.45 27.02
C LEU B 215 -7.01 9.29 26.22
N ALA B 216 -7.96 9.92 26.92
CA ALA B 216 -8.88 10.88 26.34
C ALA B 216 -8.33 12.32 26.37
N ALA B 217 -7.62 12.63 27.46
CA ALA B 217 -7.13 13.97 27.78
C ALA B 217 -5.67 13.82 28.18
N PRO B 218 -4.75 13.70 27.21
CA PRO B 218 -3.39 13.28 27.51
C PRO B 218 -2.52 14.29 28.21
N LEU B 219 -3.04 15.49 28.47
CA LEU B 219 -2.43 16.34 29.46
C LEU B 219 -2.22 15.62 30.79
N TYR B 220 -3.02 14.60 31.07
CA TYR B 220 -2.97 13.85 32.32
C TYR B 220 -2.33 12.47 32.21
N ALA B 221 -1.76 12.19 31.03
CA ALA B 221 -1.10 10.94 30.79
C ALA B 221 0.38 11.00 31.19
N ASP B 222 0.98 9.82 31.33
CA ASP B 222 2.42 9.68 31.54
C ASP B 222 3.09 9.80 30.18
N LEU B 223 3.78 10.91 29.93
CA LEU B 223 4.41 11.19 28.67
C LEU B 223 5.86 10.74 28.56
N ARG B 224 6.41 10.16 29.61
CA ARG B 224 7.81 9.80 29.61
C ARG B 224 8.09 8.78 28.49
N GLY B 225 9.19 9.00 27.78
CA GLY B 225 9.61 8.10 26.72
C GLY B 225 9.10 8.44 25.34
N LEU B 226 8.25 9.47 25.21
CA LEU B 226 7.72 9.81 23.90
C LEU B 226 8.82 10.40 23.02
N PRO B 227 8.72 10.20 21.69
CA PRO B 227 9.73 10.71 20.77
C PRO B 227 9.57 12.20 20.56
N PRO B 228 10.53 12.82 19.85
CA PRO B 228 10.47 14.26 19.62
C PRO B 228 9.17 14.70 19.01
N LEU B 229 8.60 15.77 19.60
N LEU B 229 8.65 15.83 19.52
CA LEU B 229 7.30 16.28 19.22
CA LEU B 229 7.30 16.26 19.27
C LEU B 229 7.50 17.67 18.62
C LEU B 229 7.31 17.71 18.74
N LEU B 230 6.76 17.92 17.53
CA LEU B 230 6.57 19.25 16.99
C LEU B 230 5.13 19.60 17.30
N ILE B 231 4.93 20.74 18.00
CA ILE B 231 3.61 21.29 18.27
C ILE B 231 3.54 22.63 17.58
N GLN B 232 2.65 22.74 16.59
CA GLN B 232 2.36 24.02 15.95
C GLN B 232 0.99 24.48 16.43
N VAL B 233 0.88 25.76 16.75
CA VAL B 233 -0.34 26.33 17.28
C VAL B 233 -0.36 27.80 16.91
N GLY B 234 -1.56 28.36 16.75
CA GLY B 234 -1.69 29.77 16.47
C GLY B 234 -1.84 30.59 17.74
N THR B 235 -1.32 31.82 17.72
CA THR B 235 -1.48 32.65 18.89
C THR B 235 -2.91 33.18 19.07
N ALA B 236 -3.73 33.14 18.00
N ALA B 236 -3.70 33.18 17.99
CA ALA B 236 -5.07 33.64 18.06
CA ALA B 236 -5.11 33.59 18.06
C ALA B 236 -6.12 32.65 18.61
C ALA B 236 -5.98 32.33 18.16
N GLU B 237 -5.68 31.50 19.15
CA GLU B 237 -6.44 30.33 19.41
C GLU B 237 -6.86 30.22 20.85
N THR B 238 -8.12 29.86 21.08
CA THR B 238 -8.55 29.45 22.41
C THR B 238 -7.78 28.22 22.89
N LEU B 239 -7.38 27.36 21.96
CA LEU B 239 -6.58 26.16 22.29
C LEU B 239 -5.07 26.46 22.45
N LEU B 240 -4.65 27.74 22.44
CA LEU B 240 -3.23 28.03 22.63
C LEU B 240 -2.69 27.36 23.90
N ASP B 241 -3.39 27.52 25.01
CA ASP B 241 -2.92 26.98 26.26
C ASP B 241 -2.93 25.45 26.34
N ASP B 242 -3.68 24.77 25.47
CA ASP B 242 -3.55 23.31 25.36
C ASP B 242 -2.13 22.96 24.89
N SER B 243 -1.63 23.69 23.89
CA SER B 243 -0.27 23.48 23.41
C SER B 243 0.78 23.89 24.43
N VAL B 244 0.56 25.02 25.12
CA VAL B 244 1.53 25.48 26.11
C VAL B 244 1.64 24.43 27.22
N ARG B 245 0.48 23.96 27.71
CA ARG B 245 0.47 22.98 28.79
C ARG B 245 1.02 21.64 28.34
N LEU B 246 0.70 21.23 27.10
CA LEU B 246 1.26 19.96 26.59
C LEU B 246 2.80 20.04 26.52
N ALA B 247 3.31 21.16 26.03
CA ALA B 247 4.75 21.33 25.94
C ALA B 247 5.40 21.26 27.33
N GLU B 248 4.79 21.97 28.30
CA GLU B 248 5.31 21.97 29.66
C GLU B 248 5.35 20.54 30.20
N ARG B 249 4.24 19.81 30.02
N ARG B 249 4.24 19.82 30.05
CA ARG B 249 4.14 18.48 30.61
CA ARG B 249 4.15 18.47 30.61
C ARG B 249 5.08 17.50 29.93
C ARG B 249 5.12 17.53 29.95
N ALA B 250 5.17 17.59 28.62
CA ALA B 250 6.05 16.74 27.85
C ALA B 250 7.52 17.01 28.21
N ARG B 251 7.90 18.29 28.30
CA ARG B 251 9.28 18.64 28.70
C ARG B 251 9.60 18.13 30.12
N ALA B 252 8.63 18.24 31.02
CA ALA B 252 8.79 17.75 32.38
C ALA B 252 8.95 16.25 32.46
N ALA B 253 8.50 15.56 31.42
CA ALA B 253 8.59 14.12 31.22
C ALA B 253 9.81 13.72 30.39
N GLY B 254 10.67 14.67 30.01
CA GLY B 254 11.88 14.35 29.30
C GLY B 254 11.77 14.22 27.79
N VAL B 255 10.60 14.61 27.26
N VAL B 255 10.69 14.78 27.21
CA VAL B 255 10.35 14.54 25.84
CA VAL B 255 10.48 14.77 25.74
C VAL B 255 10.90 15.81 25.23
C VAL B 255 11.08 15.97 25.06
N GLN B 256 11.53 15.70 24.06
N GLN B 256 11.71 15.77 23.89
CA GLN B 256 12.03 16.83 23.33
CA GLN B 256 12.24 16.84 23.10
C GLN B 256 10.82 17.43 22.62
C GLN B 256 11.12 17.53 22.33
N VAL B 257 10.55 18.73 22.87
N VAL B 257 10.71 18.71 22.77
CA VAL B 257 9.47 19.45 22.24
CA VAL B 257 9.54 19.40 22.20
C VAL B 257 10.01 20.60 21.43
C VAL B 257 9.91 20.69 21.49
N THR B 258 9.45 20.80 20.24
CA THR B 258 9.58 22.01 19.47
C THR B 258 8.18 22.63 19.45
N LEU B 259 7.99 23.76 20.14
CA LEU B 259 6.68 24.42 20.25
C LEU B 259 6.76 25.68 19.46
N GLU B 260 5.95 25.76 18.41
CA GLU B 260 5.91 26.88 17.49
C GLU B 260 4.57 27.59 17.58
N PRO B 261 4.47 28.71 18.33
CA PRO B 261 3.26 29.52 18.33
C PRO B 261 3.37 30.54 17.21
N TRP B 262 2.66 30.30 16.10
CA TRP B 262 2.75 31.17 14.94
C TRP B 262 1.85 32.38 15.14
N GLU B 263 2.47 33.57 15.09
N GLU B 263 2.47 33.56 15.03
CA GLU B 263 1.82 34.81 15.44
CA GLU B 263 1.83 34.84 15.34
C GLU B 263 0.61 35.05 14.54
C GLU B 263 0.58 35.01 14.49
N ASP B 264 -0.53 35.33 15.17
CA ASP B 264 -1.79 35.66 14.55
C ASP B 264 -2.50 34.50 13.88
N MET B 265 -1.91 33.30 13.89
CA MET B 265 -2.55 32.19 13.24
C MET B 265 -3.72 31.67 14.01
N ILE B 266 -4.60 31.00 13.26
N ILE B 266 -4.62 31.02 13.27
CA ILE B 266 -5.85 30.44 13.71
CA ILE B 266 -5.85 30.45 13.81
C ILE B 266 -5.80 28.92 13.74
C ILE B 266 -5.83 28.93 13.71
N HIS B 267 -6.84 28.31 14.31
CA HIS B 267 -6.91 26.88 14.50
C HIS B 267 -6.66 26.12 13.20
N VAL B 268 -5.67 25.21 13.25
CA VAL B 268 -5.33 24.36 12.11
C VAL B 268 -5.24 25.18 10.83
N TRP B 269 -4.54 26.31 10.91
CA TRP B 269 -4.37 27.21 9.78
C TRP B 269 -3.71 26.48 8.58
N GLN B 270 -2.98 25.41 8.86
CA GLN B 270 -2.33 24.61 7.82
C GLN B 270 -3.35 24.08 6.82
N ALA B 271 -4.57 23.80 7.30
CA ALA B 271 -5.62 23.27 6.42
C ALA B 271 -6.02 24.25 5.33
N PHE B 272 -5.72 25.54 5.52
CA PHE B 272 -6.07 26.60 4.60
C PHE B 272 -4.92 26.97 3.68
N ALA B 273 -3.90 26.11 3.59
CA ALA B 273 -2.71 26.36 2.82
C ALA B 273 -2.93 26.74 1.36
N ALA B 274 -4.02 26.27 0.74
CA ALA B 274 -4.28 26.65 -0.64
C ALA B 274 -4.39 28.15 -0.82
N MET B 275 -4.94 28.83 0.20
N MET B 275 -5.01 28.82 0.17
CA MET B 275 -5.22 30.25 0.12
CA MET B 275 -5.26 30.26 0.11
C MET B 275 -4.41 31.08 1.10
C MET B 275 -4.61 31.07 1.23
N LEU B 276 -3.84 30.44 2.11
CA LEU B 276 -3.18 31.11 3.22
C LEU B 276 -1.69 30.77 3.17
N PRO B 277 -0.82 31.69 2.74
CA PRO B 277 0.60 31.40 2.65
C PRO B 277 1.25 30.83 3.91
N GLU B 278 0.86 31.34 5.08
CA GLU B 278 1.41 30.86 6.33
C GLU B 278 1.04 29.38 6.57
N GLY B 279 -0.08 28.93 6.02
CA GLY B 279 -0.44 27.53 6.13
C GLY B 279 0.55 26.65 5.38
N GLN B 280 0.90 27.04 4.15
CA GLN B 280 1.89 26.30 3.39
C GLN B 280 3.28 26.39 4.03
N GLN B 281 3.64 27.57 4.55
CA GLN B 281 4.92 27.71 5.22
C GLN B 281 5.01 26.74 6.41
N ALA B 282 3.92 26.64 7.18
CA ALA B 282 3.92 25.76 8.35
C ALA B 282 4.05 24.30 7.94
N ILE B 283 3.39 23.92 6.84
CA ILE B 283 3.51 22.57 6.33
C ILE B 283 4.95 22.27 5.87
N GLU B 284 5.60 23.23 5.23
CA GLU B 284 6.99 23.03 4.87
C GLU B 284 7.85 22.76 6.11
N ARG B 285 7.55 23.46 7.20
N ARG B 285 7.56 23.47 7.22
CA ARG B 285 8.24 23.23 8.44
CA ARG B 285 8.23 23.22 8.52
C ARG B 285 7.96 21.83 9.03
C ARG B 285 7.97 21.81 9.04
N ILE B 286 6.73 21.35 8.93
CA ILE B 286 6.42 20.00 9.32
C ILE B 286 7.30 19.02 8.54
N GLY B 287 7.38 19.21 7.22
CA GLY B 287 8.19 18.33 6.39
C GLY B 287 9.67 18.36 6.79
N GLU B 288 10.20 19.55 7.07
CA GLU B 288 11.59 19.71 7.50
C GLU B 288 11.82 18.96 8.81
N PHE B 289 10.92 19.13 9.76
CA PHE B 289 11.00 18.46 11.05
C PHE B 289 11.04 16.94 10.90
N LEU B 290 10.09 16.41 10.10
CA LEU B 290 10.04 14.97 9.89
C LEU B 290 11.30 14.47 9.20
N ARG B 291 11.72 15.13 8.11
CA ARG B 291 12.89 14.69 7.38
C ARG B 291 14.12 14.68 8.25
N GLN B 292 14.23 15.69 9.14
CA GLN B 292 15.35 15.77 10.05
C GLN B 292 15.39 14.55 11.00
N HIS B 293 14.23 14.14 11.50
CA HIS B 293 14.15 13.00 12.43
C HIS B 293 14.21 11.62 11.78
N TRP B 294 14.09 11.56 10.44
CA TRP B 294 14.22 10.30 9.67
C TRP B 294 15.64 10.04 9.13
C FMT C . 1.75 -24.60 -36.65
O1 FMT C . 2.39 -25.46 -36.05
O2 FMT C . 0.53 -24.28 -36.37
C FMT D . -8.82 2.49 -21.63
O1 FMT D . -9.55 1.52 -21.75
O2 FMT D . -7.52 2.43 -21.49
C FMT E . -13.47 -16.32 -7.39
O1 FMT E . -13.13 -17.48 -7.63
O2 FMT E . -13.09 -15.28 -8.08
C1 IPH F . -11.05 -37.40 -22.66
C2 IPH F . -11.68 -36.78 -21.58
C3 IPH F . -11.59 -37.33 -20.31
C4 IPH F . -10.90 -38.51 -20.10
C5 IPH F . -10.28 -39.14 -21.16
C6 IPH F . -10.34 -38.57 -22.43
O1 IPH F . -11.13 -36.83 -23.91
C FMT G . -3.37 1.38 -11.54
O1 FMT G . -4.13 0.53 -11.11
O2 FMT G . -2.28 1.74 -10.95
C FMT H . 11.68 1.97 -21.07
O1 FMT H . 12.02 1.01 -20.40
O2 FMT H . 11.25 1.95 -22.31
C FMT I . -0.65 -7.04 14.24
O1 FMT I . 0.39 -7.09 14.85
O2 FMT I . -1.06 -6.03 13.54
C FMT J . 1.80 36.71 1.42
O1 FMT J . 2.05 36.39 2.58
O2 FMT J . 1.40 37.89 1.04
C FMT K . -13.51 28.16 4.67
O1 FMT K . -14.13 27.93 3.66
O2 FMT K . -13.49 29.31 5.27
C FMT L . -14.60 9.47 4.22
O1 FMT L . -13.91 8.91 5.05
O2 FMT L . -14.21 10.45 3.46
#